data_5HNE
#
_entry.id   5HNE
#
_cell.length_a   69.121
_cell.length_b   106.478
_cell.length_c   106.257
_cell.angle_alpha   90.000
_cell.angle_beta   90.000
_cell.angle_gamma   90.000
#
_symmetry.space_group_name_H-M   'P 21 21 21'
#
loop_
_entity.id
_entity.type
_entity.pdbx_description
1 polymer 'Branched-chain-amino-acid aminotransferase, mitochondrial'
2 non-polymer "PYRIDOXAL-5'-PHOSPHATE"
3 non-polymer 1-[(1R,3S)-3-{[(5-bromothiophen-2-yl)carbonyl]amino}cyclohexyl]-N-methyl-2-(pyridin-2-yl)-1H-benzimidazole-5-carboxamide
4 non-polymer 'CHLORIDE ION'
5 non-polymer 1,2-ETHANEDIOL
6 non-polymer GLYCEROL
7 water water
#
_entity_poly.entity_id   1
_entity_poly.type   'polypeptide(L)'
_entity_poly.pdbx_seq_one_letter_code
;GSHMASSSFKAADLQLEMTQKPHKKPGPGEPLVFGKTFTDHMLMVEWNDKGWGQPRIQPFQNLTLHPASSSLHYSLQLFE
GMKAFKGKDQQVRLFRPWLNMDRMLRSAMRLCLPSFDKLELLECIRRLIEVDKDWVPDAAGTSLYVRPVLIGNEPSLGVS
QPTRALLFVILCPVGAYFPGGSVTPVSLLADPAFIRAWVGGVGNYKLGGNYGPTVLVQQEALKRGCEQVLWLYGPDHQLT
EVGTMNIFVYWTHEDGVLELVTPPLNGVILPGVVRQSLLDMAQTWGEFRVVERTITMKQLLRALEEGRVREVFGSGTACQ
VCPVHRILYKDRNLHIPTMENGPELILRFQKELKEIQYGIRAHEWMFPV
;
_entity_poly.pdbx_strand_id   A,B
#
loop_
_chem_comp.id
_chem_comp.type
_chem_comp.name
_chem_comp.formula
CL non-polymer 'CHLORIDE ION' 'Cl -1'
EDO non-polymer 1,2-ETHANEDIOL 'C2 H6 O2'
EL2 non-polymer 1-[(1R,3S)-3-{[(5-bromothiophen-2-yl)carbonyl]amino}cyclohexyl]-N-methyl-2-(pyridin-2-yl)-1H-benzimidazole-5-carboxamide 'C25 H24 Br N5 O2 S'
GOL non-polymer GLYCEROL 'C3 H8 O3'
PLP non-polymer PYRIDOXAL-5'-PHOSPHATE 'C8 H10 N O6 P'
#
# COMPACT_ATOMS: atom_id res chain seq x y z
N SER A 7 14.23 22.83 0.99
CA SER A 7 13.46 23.93 1.64
C SER A 7 12.09 23.44 2.14
N SER A 8 11.37 24.34 2.83
CA SER A 8 10.09 24.00 3.42
C SER A 8 9.17 25.19 3.41
N PHE A 9 7.88 24.90 3.42
CA PHE A 9 6.88 25.89 3.71
C PHE A 9 7.14 26.42 5.12
N LYS A 10 6.68 27.64 5.39
CA LYS A 10 6.91 28.28 6.69
C LYS A 10 5.59 28.67 7.31
N ALA A 11 5.46 28.44 8.61
CA ALA A 11 4.26 28.86 9.34
C ALA A 11 4.07 30.38 9.20
N ALA A 12 5.17 31.11 9.12
CA ALA A 12 5.11 32.57 8.91
C ALA A 12 4.27 32.97 7.71
N ASP A 13 4.26 32.15 6.66
CA ASP A 13 3.51 32.47 5.44
C ASP A 13 2.10 31.90 5.43
N LEU A 14 1.63 31.38 6.56
CA LEU A 14 0.29 30.79 6.63
C LEU A 14 -0.80 31.74 6.14
N GLN A 15 -1.69 31.23 5.29
CA GLN A 15 -2.86 31.99 4.85
C GLN A 15 -4.03 31.33 5.53
N LEU A 16 -4.90 32.14 6.16
CA LEU A 16 -6.12 31.66 6.81
C LEU A 16 -7.40 32.06 6.07
N GLU A 17 -8.22 31.09 5.71
CA GLU A 17 -9.53 31.30 5.14
C GLU A 17 -10.56 30.68 6.07
N MET A 18 -11.16 31.52 6.91
CA MET A 18 -12.18 31.07 7.84
C MET A 18 -13.38 30.62 7.05
N THR A 19 -14.15 29.72 7.61
CA THR A 19 -15.27 29.11 6.90
C THR A 19 -16.50 29.97 7.05
N GLN A 20 -17.40 29.87 6.07
CA GLN A 20 -18.69 30.56 6.06
C GLN A 20 -19.85 29.57 6.11
N LYS A 21 -19.55 28.31 6.42
CA LYS A 21 -20.55 27.26 6.62
C LYS A 21 -20.08 26.39 7.78
N PRO A 22 -20.13 26.94 9.01
CA PRO A 22 -19.68 26.12 10.15
C PRO A 22 -20.47 24.82 10.26
N HIS A 23 -19.78 23.70 10.46
CA HIS A 23 -20.46 22.41 10.66
C HIS A 23 -21.23 22.50 11.99
N LYS A 24 -22.40 21.88 12.01
CA LYS A 24 -23.17 21.71 13.23
C LYS A 24 -22.42 20.77 14.16
N LYS A 25 -21.94 21.26 15.31
CA LYS A 25 -21.22 20.41 16.28
C LYS A 25 -22.13 19.32 16.89
N PRO A 26 -21.53 18.24 17.44
CA PRO A 26 -22.36 17.11 17.92
C PRO A 26 -23.19 17.38 19.19
N PRO A 31 -22.53 11.03 20.81
CA PRO A 31 -22.35 9.76 20.09
C PRO A 31 -21.21 9.84 19.04
N LEU A 32 -19.98 10.09 19.49
CA LEU A 32 -18.83 10.27 18.59
C LEU A 32 -18.12 8.97 18.18
N VAL A 33 -18.37 8.52 16.96
CA VAL A 33 -17.69 7.36 16.38
C VAL A 33 -16.34 7.85 15.84
N PHE A 34 -15.26 7.16 16.17
CA PHE A 34 -13.94 7.56 15.71
C PHE A 34 -13.88 7.75 14.19
N GLY A 35 -13.28 8.85 13.77
CA GLY A 35 -13.00 9.08 12.38
C GLY A 35 -14.14 9.47 11.45
N LYS A 36 -15.32 9.75 11.99
CA LYS A 36 -16.47 10.10 11.12
C LYS A 36 -16.95 11.56 11.21
N THR A 37 -16.47 12.30 12.21
CA THR A 37 -16.85 13.70 12.43
C THR A 37 -15.64 14.59 12.26
N PHE A 38 -15.79 15.62 11.44
CA PHE A 38 -14.68 16.47 11.11
C PHE A 38 -14.86 17.94 11.55
N THR A 39 -13.77 18.59 11.91
CA THR A 39 -13.82 19.98 12.32
C THR A 39 -14.05 20.88 11.10
N ASP A 40 -14.08 22.19 11.33
CA ASP A 40 -14.47 23.15 10.28
C ASP A 40 -13.38 23.46 9.30
N HIS A 41 -12.14 23.39 9.75
CA HIS A 41 -11.00 23.74 8.91
C HIS A 41 -10.01 22.59 8.70
N MET A 42 -9.11 22.80 7.74
CA MET A 42 -8.05 21.83 7.38
C MET A 42 -6.80 22.58 6.95
N LEU A 43 -5.65 21.97 7.10
CA LEU A 43 -4.43 22.54 6.59
C LEU A 43 -4.20 21.93 5.22
N MET A 44 -3.63 22.72 4.33
CA MET A 44 -3.36 22.28 2.97
C MET A 44 -2.12 22.98 2.51
N VAL A 45 -1.17 22.19 2.03
CA VAL A 45 0.06 22.71 1.46
C VAL A 45 0.37 21.87 0.22
N GLU A 46 0.71 22.52 -0.88
CA GLU A 46 1.06 21.83 -2.14
C GLU A 46 2.52 21.94 -2.44
N TRP A 47 3.06 20.91 -3.09
CA TRP A 47 4.43 20.90 -3.51
C TRP A 47 4.48 20.61 -5.02
N ASN A 48 5.39 21.26 -5.71
CA ASN A 48 5.62 20.96 -7.12
C ASN A 48 7.06 21.21 -7.48
N ASP A 49 7.36 21.54 -8.73
CA ASP A 49 8.74 21.83 -9.16
C ASP A 49 9.24 23.16 -8.61
N LYS A 50 8.33 24.07 -8.28
CA LYS A 50 8.71 25.34 -7.65
C LYS A 50 8.97 25.21 -6.15
N GLY A 51 8.85 24.00 -5.59
CA GLY A 51 8.98 23.80 -4.14
C GLY A 51 7.61 23.86 -3.49
N TRP A 52 7.57 24.06 -2.18
CA TRP A 52 6.32 24.14 -1.45
C TRP A 52 5.60 25.47 -1.68
N GLY A 53 4.28 25.41 -1.83
CA GLY A 53 3.49 26.61 -1.88
C GLY A 53 3.35 27.15 -0.46
N GLN A 54 2.47 28.13 -0.32
CA GLN A 54 2.24 28.70 0.99
C GLN A 54 1.25 27.85 1.72
N PRO A 55 1.46 27.63 3.02
CA PRO A 55 0.49 26.82 3.73
C PRO A 55 -0.79 27.59 3.93
N ARG A 56 -1.91 26.88 3.84
CA ARG A 56 -3.14 27.50 4.15
C ARG A 56 -4.04 26.67 5.03
N ILE A 57 -4.77 27.36 5.91
CA ILE A 57 -5.85 26.78 6.67
C ILE A 57 -7.08 27.20 5.93
N GLN A 58 -7.98 26.27 5.67
CA GLN A 58 -9.11 26.58 4.84
C GLN A 58 -10.33 25.82 5.25
N PRO A 59 -11.48 26.17 4.71
CA PRO A 59 -12.61 25.37 5.13
C PRO A 59 -12.47 23.90 4.73
N PHE A 60 -13.06 23.02 5.54
CA PHE A 60 -13.04 21.59 5.27
C PHE A 60 -13.79 21.36 3.98
N GLN A 61 -13.10 20.78 3.01
CA GLN A 61 -13.65 20.60 1.67
C GLN A 61 -13.01 19.38 0.99
N ASN A 62 -13.75 18.84 0.01
CA ASN A 62 -13.26 17.75 -0.83
C ASN A 62 -11.96 18.07 -1.54
N LEU A 63 -11.21 17.02 -1.90
CA LEU A 63 -9.97 17.19 -2.66
C LEU A 63 -10.30 17.03 -4.13
N THR A 64 -9.59 17.74 -4.99
CA THR A 64 -9.73 17.57 -6.44
C THR A 64 -8.44 16.96 -6.95
N LEU A 65 -8.55 15.73 -7.48
CA LEU A 65 -7.37 15.01 -7.94
C LEU A 65 -7.50 14.52 -9.38
N HIS A 66 -6.42 14.68 -10.12
CA HIS A 66 -6.29 14.13 -11.47
C HIS A 66 -6.53 12.60 -11.40
N PRO A 67 -7.22 12.03 -12.39
CA PRO A 67 -7.48 10.57 -12.36
C PRO A 67 -6.24 9.68 -12.39
N ALA A 68 -5.12 10.22 -12.82
CA ALA A 68 -3.85 9.49 -12.86
C ALA A 68 -2.95 9.79 -11.65
N SER A 69 -3.50 10.49 -10.64
CA SER A 69 -2.71 10.87 -9.47
C SER A 69 -1.99 9.66 -8.86
N SER A 70 -0.69 9.75 -8.68
CA SER A 70 0.09 8.64 -8.17
C SER A 70 -0.32 8.19 -6.76
N SER A 71 -1.06 9.04 -6.04
CA SER A 71 -1.60 8.69 -4.71
C SER A 71 -2.59 7.55 -4.77
N LEU A 72 -3.26 7.41 -5.92
CA LEU A 72 -4.36 6.45 -6.11
C LEU A 72 -3.99 5.19 -6.91
N HIS A 73 -2.88 5.27 -7.62
CA HIS A 73 -2.45 4.17 -8.50
C HIS A 73 -1.31 3.37 -7.88
N TYR A 74 -0.34 4.07 -7.27
CA TYR A 74 0.84 3.41 -6.69
C TYR A 74 1.02 3.71 -5.20
N SER A 75 -0.07 4.05 -4.53
CA SER A 75 -0.09 4.23 -3.09
C SER A 75 1.02 5.13 -2.61
N LEU A 76 1.23 6.28 -3.30
CA LEU A 76 2.17 7.27 -2.81
C LEU A 76 1.40 8.03 -1.75
N GLN A 77 1.34 7.45 -0.56
CA GLN A 77 0.53 8.02 0.52
C GLN A 77 1.07 7.58 1.86
N LEU A 78 1.00 8.49 2.82
CA LEU A 78 1.38 8.20 4.19
C LEU A 78 0.56 9.09 5.11
N PHE A 79 0.44 8.70 6.37
CA PHE A 79 -0.35 9.44 7.32
C PHE A 79 0.25 9.40 8.72
N GLU A 80 -0.32 10.22 9.57
CA GLU A 80 0.03 10.24 10.99
C GLU A 80 -1.23 10.28 11.80
N GLY A 81 -1.05 10.02 13.07
CA GLY A 81 -2.15 9.97 14.00
C GLY A 81 -1.65 10.44 15.35
N MET A 82 -2.21 11.54 15.83
CA MET A 82 -1.90 12.04 17.17
C MET A 82 -3.09 12.71 17.83
N LYS A 83 -2.99 12.90 19.13
CA LYS A 83 -4.08 13.47 19.90
C LYS A 83 -3.73 14.78 20.59
N ALA A 84 -4.73 15.68 20.62
CA ALA A 84 -4.64 16.93 21.36
C ALA A 84 -5.59 16.79 22.52
N PHE A 85 -5.14 17.18 23.70
CA PHE A 85 -5.89 17.02 24.94
C PHE A 85 -6.17 18.36 25.65
N LYS A 86 -7.42 18.55 26.05
CA LYS A 86 -7.88 19.75 26.77
C LYS A 86 -7.83 19.44 28.27
N GLY A 87 -6.93 20.09 29.00
CA GLY A 87 -6.80 19.85 30.43
C GLY A 87 -7.90 20.47 31.29
N LYS A 88 -7.86 20.21 32.60
CA LYS A 88 -8.83 20.81 33.53
C LYS A 88 -8.73 22.33 33.42
N ASP A 89 -7.50 22.84 33.30
CA ASP A 89 -7.27 24.28 33.08
C ASP A 89 -7.76 24.78 31.72
N GLN A 90 -8.51 23.95 30.99
CA GLN A 90 -9.03 24.28 29.66
C GLN A 90 -7.97 24.57 28.58
N GLN A 91 -6.73 24.20 28.88
CA GLN A 91 -5.62 24.32 27.97
C GLN A 91 -5.53 23.05 27.12
N VAL A 92 -5.36 23.23 25.80
CA VAL A 92 -5.22 22.11 24.86
C VAL A 92 -3.75 21.83 24.63
N ARG A 93 -3.36 20.56 24.68
CA ARG A 93 -1.97 20.16 24.47
C ARG A 93 -1.82 18.91 23.59
N LEU A 94 -0.74 18.86 22.83
CA LEU A 94 -0.42 17.70 22.01
C LEU A 94 0.62 16.86 22.75
N PHE A 95 0.41 15.54 22.71
CA PHE A 95 1.32 14.55 23.28
C PHE A 95 2.48 14.18 22.34
N ARG A 96 3.68 14.50 22.77
CA ARG A 96 4.93 14.20 22.07
C ARG A 96 4.86 14.34 20.54
N PRO A 97 4.26 15.43 20.04
CA PRO A 97 4.05 15.66 18.60
C PRO A 97 5.33 15.57 17.78
N TRP A 98 6.47 15.91 18.39
CA TRP A 98 7.74 15.92 17.71
C TRP A 98 8.07 14.53 17.16
N LEU A 99 7.66 13.49 17.89
CA LEU A 99 7.91 12.12 17.46
C LEU A 99 7.08 11.79 16.21
N ASN A 100 5.82 12.22 16.18
CA ASN A 100 4.99 12.06 14.98
C ASN A 100 5.58 12.75 13.76
N MET A 101 6.09 13.97 13.94
CA MET A 101 6.71 14.71 12.86
C MET A 101 7.96 13.99 12.36
N ASP A 102 8.77 13.47 13.30
CA ASP A 102 9.96 12.68 12.95
C ASP A 102 9.56 11.47 12.10
N ARG A 103 8.49 10.80 12.51
CA ARG A 103 8.04 9.56 11.86
C ARG A 103 7.47 9.87 10.49
N MET A 104 6.70 10.95 10.41
CA MET A 104 6.13 11.43 9.16
C MET A 104 7.22 11.73 8.16
N LEU A 105 8.28 12.39 8.62
CA LEU A 105 9.37 12.71 7.70
C LEU A 105 10.07 11.44 7.20
N ARG A 106 10.21 10.43 8.08
CA ARG A 106 10.82 9.17 7.67
C ARG A 106 9.95 8.45 6.63
N SER A 107 8.64 8.46 6.85
CA SER A 107 7.72 7.88 5.89
C SER A 107 7.87 8.59 4.55
N ALA A 108 7.91 9.93 4.57
CA ALA A 108 8.01 10.73 3.35
C ALA A 108 9.24 10.32 2.57
N MET A 109 10.39 10.26 3.25
CA MET A 109 11.62 9.88 2.59
C MET A 109 11.54 8.47 1.99
N ARG A 110 10.87 7.55 2.69
CA ARG A 110 10.80 6.17 2.20
C ARG A 110 10.02 6.07 0.88
N LEU A 111 9.06 6.96 0.72
CA LEU A 111 8.26 7.03 -0.51
C LEU A 111 8.71 8.08 -1.53
N CYS A 112 9.87 8.70 -1.31
CA CYS A 112 10.40 9.72 -2.21
C CYS A 112 9.45 10.89 -2.35
N LEU A 113 8.77 11.20 -1.26
CA LEU A 113 7.90 12.36 -1.20
C LEU A 113 8.69 13.52 -0.60
N PRO A 114 8.25 14.78 -0.89
CA PRO A 114 9.07 15.93 -0.50
C PRO A 114 9.26 16.08 1.01
N SER A 115 10.51 16.33 1.36
CA SER A 115 10.87 16.70 2.70
C SER A 115 10.22 18.04 3.12
N PHE A 116 10.05 18.24 4.42
CA PHE A 116 9.56 19.49 4.98
C PHE A 116 10.22 19.72 6.33
N ASP A 117 10.01 20.90 6.91
CA ASP A 117 10.57 21.23 8.21
C ASP A 117 9.57 20.81 9.29
N LYS A 118 10.00 19.89 10.15
CA LYS A 118 9.15 19.32 11.19
C LYS A 118 8.59 20.37 12.15
N LEU A 119 9.42 21.34 12.53
CA LEU A 119 8.97 22.41 13.41
C LEU A 119 7.98 23.36 12.69
N GLU A 120 8.12 23.55 11.38
CA GLU A 120 7.18 24.40 10.65
C GLU A 120 5.83 23.74 10.54
N LEU A 121 5.79 22.46 10.19
CA LEU A 121 4.52 21.74 10.15
C LEU A 121 3.89 21.71 11.54
N LEU A 122 4.70 21.52 12.56
CA LEU A 122 4.14 21.47 13.93
C LEU A 122 3.37 22.77 14.26
N GLU A 123 3.98 23.91 13.91
CA GLU A 123 3.36 25.21 14.12
C GLU A 123 2.09 25.35 13.30
N CYS A 124 2.13 24.91 12.04
CA CYS A 124 0.93 25.03 11.19
C CYS A 124 -0.19 24.20 11.79
N ILE A 125 0.16 23.01 12.29
CA ILE A 125 -0.80 22.17 12.97
C ILE A 125 -1.29 22.87 14.24
N ARG A 126 -0.37 23.47 15.00
CA ARG A 126 -0.78 24.17 16.22
C ARG A 126 -1.80 25.23 15.84
N ARG A 127 -1.46 25.97 14.78
CA ARG A 127 -2.31 27.06 14.33
C ARG A 127 -3.67 26.55 13.93
N LEU A 128 -3.72 25.37 13.29
CA LEU A 128 -4.99 24.81 12.85
C LEU A 128 -5.91 24.39 14.00
N ILE A 129 -5.30 23.80 15.01
CA ILE A 129 -6.06 23.35 16.18
C ILE A 129 -6.57 24.60 16.92
N GLU A 130 -5.77 25.65 16.95
CA GLU A 130 -6.20 26.91 17.57
C GLU A 130 -7.46 27.44 16.87
N VAL A 131 -7.41 27.52 15.54
CA VAL A 131 -8.60 27.91 14.78
C VAL A 131 -9.81 27.08 15.17
N ASP A 132 -9.65 25.76 15.27
CA ASP A 132 -10.76 24.87 15.58
C ASP A 132 -10.79 24.43 17.05
N LYS A 133 -10.20 25.22 17.96
CA LYS A 133 -10.10 24.83 19.38
C LYS A 133 -11.41 24.48 20.05
N ASP A 134 -12.52 25.09 19.61
CA ASP A 134 -13.83 24.85 20.21
C ASP A 134 -14.41 23.50 19.82
N TRP A 135 -13.75 22.77 18.92
CA TRP A 135 -14.10 21.40 18.61
C TRP A 135 -13.48 20.42 19.62
N VAL A 136 -12.45 20.84 20.35
CA VAL A 136 -11.79 19.95 21.29
C VAL A 136 -12.70 19.64 22.47
N PRO A 137 -13.18 18.39 22.57
CA PRO A 137 -14.06 18.08 23.70
C PRO A 137 -13.26 18.07 24.99
N ASP A 138 -13.93 18.14 26.13
CA ASP A 138 -13.22 18.16 27.42
C ASP A 138 -13.69 17.12 28.42
N ALA A 139 -14.71 16.34 28.04
CA ALA A 139 -15.19 15.26 28.88
C ALA A 139 -14.04 14.27 29.14
N ALA A 140 -14.11 13.58 30.27
CA ALA A 140 -13.06 12.63 30.66
C ALA A 140 -12.71 11.68 29.50
N GLY A 141 -11.42 11.49 29.27
CA GLY A 141 -10.94 10.57 28.25
C GLY A 141 -11.19 10.96 26.80
N THR A 142 -11.72 12.15 26.55
CA THR A 142 -11.97 12.57 25.18
C THR A 142 -10.76 13.32 24.65
N SER A 143 -10.73 13.50 23.33
CA SER A 143 -9.62 14.17 22.69
C SER A 143 -9.97 14.65 21.29
N LEU A 144 -9.03 15.37 20.70
CA LEU A 144 -9.12 15.76 19.30
C LEU A 144 -8.07 14.96 18.55
N TYR A 145 -8.52 14.16 17.60
CA TYR A 145 -7.61 13.34 16.77
C TYR A 145 -7.11 14.15 15.59
N VAL A 146 -5.80 14.18 15.41
CA VAL A 146 -5.14 14.93 14.36
C VAL A 146 -4.63 13.94 13.29
N ARG A 147 -5.06 14.13 12.04
CA ARG A 147 -4.69 13.26 10.93
C ARG A 147 -3.97 14.00 9.81
N PRO A 148 -2.65 14.14 9.92
CA PRO A 148 -1.86 14.65 8.82
C PRO A 148 -1.70 13.57 7.75
N VAL A 149 -1.67 14.00 6.49
CA VAL A 149 -1.50 13.12 5.33
C VAL A 149 -0.57 13.78 4.34
N LEU A 150 0.27 12.97 3.70
CA LEU A 150 1.14 13.43 2.62
C LEU A 150 0.98 12.43 1.47
N ILE A 151 0.58 12.92 0.29
CA ILE A 151 0.32 12.08 -0.89
C ILE A 151 1.05 12.60 -2.12
N GLY A 152 1.44 11.68 -3.00
CA GLY A 152 2.06 12.04 -4.28
C GLY A 152 0.89 12.45 -5.13
N ASN A 153 1.10 13.33 -6.09
CA ASN A 153 -0.03 13.83 -6.87
C ASN A 153 0.35 14.13 -8.32
N GLU A 154 1.28 13.36 -8.82
CA GLU A 154 1.74 13.41 -10.18
C GLU A 154 0.62 12.94 -11.11
N PRO A 155 0.31 13.71 -12.15
CA PRO A 155 -0.70 13.28 -13.11
C PRO A 155 -0.05 12.37 -14.18
N SER A 156 0.37 11.17 -13.78
CA SER A 156 1.15 10.29 -14.65
C SER A 156 1.17 8.86 -14.15
N LEU A 157 1.05 7.92 -15.09
CA LEU A 157 1.00 6.50 -14.78
C LEU A 157 2.39 5.88 -14.65
N GLY A 158 3.43 6.69 -14.83
CA GLY A 158 4.77 6.19 -14.61
C GLY A 158 4.95 5.89 -13.13
N VAL A 159 5.81 4.94 -12.81
CA VAL A 159 6.13 4.60 -11.41
C VAL A 159 7.45 5.29 -11.12
N SER A 160 7.39 6.45 -10.46
CA SER A 160 8.60 7.24 -10.23
C SER A 160 8.39 8.29 -9.16
N GLN A 161 9.46 8.94 -8.76
CA GLN A 161 9.38 10.00 -7.78
C GLN A 161 8.49 11.10 -8.27
N PRO A 162 7.43 11.43 -7.52
CA PRO A 162 6.52 12.45 -7.99
C PRO A 162 7.15 13.84 -8.00
N THR A 163 6.64 14.64 -8.92
CA THR A 163 7.04 16.01 -9.10
C THR A 163 6.00 16.92 -8.44
N ARG A 164 4.89 16.35 -7.95
CA ARG A 164 3.87 17.10 -7.23
C ARG A 164 3.38 16.28 -6.06
N ALA A 165 3.05 16.96 -4.97
CA ALA A 165 2.57 16.31 -3.75
C ALA A 165 1.64 17.27 -3.03
N LEU A 166 0.84 16.72 -2.14
CA LEU A 166 -0.12 17.45 -1.33
C LEU A 166 0.02 16.99 0.12
N LEU A 167 0.25 17.95 1.02
CA LEU A 167 0.22 17.71 2.45
C LEU A 167 -1.06 18.32 3.01
N PHE A 168 -1.85 17.53 3.71
CA PHE A 168 -3.02 18.06 4.38
C PHE A 168 -3.22 17.46 5.76
N VAL A 169 -3.97 18.20 6.56
CA VAL A 169 -4.30 17.79 7.92
C VAL A 169 -5.75 18.04 8.21
N ILE A 170 -6.42 17.02 8.71
CA ILE A 170 -7.80 17.14 9.12
C ILE A 170 -7.90 16.70 10.57
N LEU A 171 -9.00 17.07 11.20
CA LEU A 171 -9.20 16.86 12.64
C LEU A 171 -10.55 16.22 12.94
N CYS A 172 -10.58 15.39 13.98
CA CYS A 172 -11.79 14.69 14.40
C CYS A 172 -11.92 14.76 15.89
N PRO A 173 -13.03 15.31 16.41
CA PRO A 173 -13.21 15.14 17.85
C PRO A 173 -13.52 13.66 18.11
N VAL A 174 -13.00 13.12 19.19
CA VAL A 174 -13.29 11.72 19.50
C VAL A 174 -13.69 11.56 20.98
N GLY A 175 -14.49 10.53 21.24
CA GLY A 175 -14.92 10.20 22.60
C GLY A 175 -13.84 9.44 23.36
N ALA A 176 -14.16 9.10 24.61
CA ALA A 176 -13.27 8.26 25.41
C ALA A 176 -13.20 6.87 24.78
N TYR A 177 -12.00 6.30 24.63
CA TYR A 177 -11.87 4.96 24.07
C TYR A 177 -12.62 3.92 24.92
N PHE A 178 -12.55 4.07 26.24
CA PHE A 178 -13.32 3.24 27.18
C PHE A 178 -14.42 4.14 27.76
N PRO A 179 -15.60 4.14 27.10
CA PRO A 179 -16.70 5.03 27.50
C PRO A 179 -17.31 4.64 28.85
N GLY A 180 -17.26 3.34 29.18
CA GLY A 180 -17.71 2.86 30.48
C GLY A 180 -16.94 3.49 31.63
N GLY A 181 -15.75 4.03 31.33
CA GLY A 181 -14.88 4.65 32.33
C GLY A 181 -13.93 3.64 32.95
N SER A 182 -13.67 2.55 32.22
CA SER A 182 -12.78 1.48 32.68
C SER A 182 -12.32 0.64 31.49
N VAL A 183 -11.12 0.09 31.62
CA VAL A 183 -10.52 -0.68 30.53
C VAL A 183 -11.28 -1.98 30.31
N THR A 184 -11.69 -2.21 29.06
N THR A 184 -11.73 -2.21 29.08
CA THR A 184 -12.39 -3.42 28.68
CA THR A 184 -12.41 -3.46 28.72
C THR A 184 -11.48 -4.24 27.75
C THR A 184 -11.50 -4.24 27.76
N PRO A 185 -11.18 -5.49 28.12
CA PRO A 185 -10.23 -6.28 27.32
C PRO A 185 -10.77 -6.80 25.98
N VAL A 186 -9.85 -7.18 25.10
CA VAL A 186 -10.20 -7.70 23.77
C VAL A 186 -9.68 -9.08 23.51
N SER A 187 -10.32 -9.78 22.58
CA SER A 187 -9.87 -11.09 22.15
C SER A 187 -9.16 -10.89 20.82
N LEU A 188 -8.15 -11.74 20.59
CA LEU A 188 -7.34 -11.68 19.40
C LEU A 188 -7.34 -12.98 18.63
N LEU A 189 -7.37 -12.87 17.31
CA LEU A 189 -7.13 -14.00 16.42
C LEU A 189 -5.63 -14.01 16.04
N ALA A 190 -4.97 -15.11 16.35
CA ALA A 190 -3.56 -15.29 16.05
C ALA A 190 -3.45 -16.44 15.05
N ASP A 191 -3.41 -16.12 13.77
CA ASP A 191 -3.27 -17.15 12.76
C ASP A 191 -2.07 -16.85 11.84
N PRO A 192 -1.09 -17.76 11.80
CA PRO A 192 0.14 -17.54 11.03
C PRO A 192 -0.02 -17.40 9.52
N ALA A 193 -1.21 -17.64 9.00
CA ALA A 193 -1.48 -17.48 7.59
C ALA A 193 -1.41 -16.04 7.13
N PHE A 194 -1.57 -15.12 8.08
CA PHE A 194 -1.66 -13.69 7.78
C PHE A 194 -0.36 -13.01 8.13
N ILE A 195 0.12 -12.19 7.23
CA ILE A 195 1.36 -11.46 7.44
C ILE A 195 1.09 -9.96 7.22
N ARG A 196 1.51 -9.14 8.18
CA ARG A 196 1.27 -7.69 8.10
C ARG A 196 2.44 -7.03 7.39
N ALA A 197 3.63 -7.59 7.62
CA ALA A 197 4.86 -6.94 7.22
C ALA A 197 6.01 -7.94 7.34
N TRP A 198 7.11 -7.64 6.65
CA TRP A 198 8.29 -8.52 6.59
C TRP A 198 9.60 -7.73 6.66
N VAL A 199 10.67 -8.40 7.05
CA VAL A 199 11.96 -7.74 7.14
C VAL A 199 12.36 -7.46 5.70
N GLY A 200 12.70 -6.21 5.41
CA GLY A 200 13.02 -5.77 4.07
C GLY A 200 11.82 -5.07 3.44
N GLY A 201 10.72 -4.98 4.19
CA GLY A 201 9.50 -4.37 3.72
C GLY A 201 9.38 -2.96 4.24
N VAL A 202 8.14 -2.50 4.41
CA VAL A 202 7.87 -1.14 4.87
C VAL A 202 6.88 -1.06 6.03
N GLY A 203 6.77 -2.17 6.76
CA GLY A 203 5.87 -2.24 7.92
C GLY A 203 6.25 -1.29 9.04
N ASN A 204 7.52 -0.88 9.09
CA ASN A 204 7.98 0.09 10.09
C ASN A 204 7.76 1.57 9.68
N TYR A 205 6.97 1.81 8.62
CA TYR A 205 6.60 3.16 8.20
C TYR A 205 5.07 3.22 8.18
N LYS A 206 4.53 4.43 8.41
CA LYS A 206 3.09 4.61 8.54
C LYS A 206 2.50 4.98 7.16
N LEU A 207 2.52 3.98 6.28
CA LEU A 207 2.11 4.12 4.88
C LEU A 207 0.80 3.42 4.67
N GLY A 208 -0.11 4.08 3.94
CA GLY A 208 -1.43 3.52 3.65
C GLY A 208 -1.42 2.08 3.18
N GLY A 209 -0.40 1.76 2.38
CA GLY A 209 -0.23 0.41 1.82
C GLY A 209 -0.22 -0.72 2.83
N ASN A 210 0.21 -0.42 4.06
CA ASN A 210 0.24 -1.43 5.13
C ASN A 210 -1.12 -1.81 5.71
N TYR A 211 -2.13 -0.98 5.49
CA TYR A 211 -3.46 -1.14 6.13
C TYR A 211 -4.55 -1.77 5.24
N GLY A 212 -4.58 -1.40 3.96
CA GLY A 212 -5.59 -1.94 3.03
C GLY A 212 -5.71 -3.45 3.11
N PRO A 213 -4.58 -4.15 3.02
CA PRO A 213 -4.58 -5.62 3.09
C PRO A 213 -5.03 -6.19 4.43
N THR A 214 -5.11 -5.39 5.49
CA THR A 214 -5.55 -5.93 6.77
C THR A 214 -7.08 -6.04 6.90
N VAL A 215 -7.84 -5.33 6.06
CA VAL A 215 -9.30 -5.28 6.18
C VAL A 215 -9.91 -6.69 6.14
N LEU A 216 -9.50 -7.47 5.15
CA LEU A 216 -10.02 -8.82 5.00
C LEU A 216 -9.64 -9.69 6.19
N VAL A 217 -8.43 -9.49 6.72
CA VAL A 217 -7.97 -10.31 7.85
C VAL A 217 -8.78 -9.99 9.10
N GLN A 218 -9.10 -8.71 9.29
CA GLN A 218 -9.91 -8.25 10.41
C GLN A 218 -11.34 -8.82 10.31
N GLN A 219 -11.90 -8.88 9.10
CA GLN A 219 -13.17 -9.60 8.90
C GLN A 219 -13.06 -11.07 9.28
N GLU A 220 -11.92 -11.68 8.99
CA GLU A 220 -11.71 -13.06 9.39
C GLU A 220 -11.65 -13.22 10.93
N ALA A 221 -11.08 -12.24 11.64
CA ALA A 221 -11.06 -12.27 13.12
C ALA A 221 -12.51 -12.26 13.64
N LEU A 222 -13.33 -11.36 13.10
CA LEU A 222 -14.76 -11.24 13.45
C LEU A 222 -15.50 -12.56 13.14
N LYS A 223 -15.33 -13.07 11.94
CA LYS A 223 -15.95 -14.37 11.58
C LYS A 223 -15.61 -15.44 12.60
N ARG A 224 -14.38 -15.44 13.13
CA ARG A 224 -14.00 -16.45 14.12
C ARG A 224 -14.22 -16.06 15.58
N GLY A 225 -15.01 -15.02 15.80
CA GLY A 225 -15.38 -14.60 17.14
C GLY A 225 -14.35 -13.77 17.89
N CYS A 226 -13.39 -13.17 17.18
CA CYS A 226 -12.36 -12.35 17.83
C CYS A 226 -12.55 -10.90 17.48
N GLU A 227 -11.97 -10.02 18.27
CA GLU A 227 -12.14 -8.59 18.04
C GLU A 227 -11.03 -7.95 17.24
N GLN A 228 -9.81 -8.48 17.34
CA GLN A 228 -8.68 -7.91 16.63
C GLN A 228 -7.72 -9.01 16.21
N VAL A 229 -6.75 -8.62 15.38
CA VAL A 229 -5.75 -9.54 14.85
C VAL A 229 -4.40 -9.44 15.60
N LEU A 230 -3.88 -10.57 16.04
CA LEU A 230 -2.53 -10.63 16.56
C LEU A 230 -1.66 -11.05 15.37
N TRP A 231 -0.87 -10.12 14.87
CA TRP A 231 -0.02 -10.36 13.71
C TRP A 231 1.23 -11.16 14.06
N LEU A 232 1.29 -12.36 13.51
CA LEU A 232 2.40 -13.24 13.73
C LEU A 232 3.32 -13.15 12.54
N TYR A 233 4.61 -13.40 12.79
CA TYR A 233 5.64 -13.34 11.77
C TYR A 233 6.67 -14.43 11.96
N GLY A 234 7.11 -14.98 10.85
CA GLY A 234 8.19 -15.95 10.84
C GLY A 234 7.71 -17.37 11.07
N PRO A 235 8.59 -18.36 10.81
CA PRO A 235 8.32 -19.77 11.07
C PRO A 235 8.10 -20.02 12.57
N ASP A 236 8.76 -19.22 13.43
CA ASP A 236 8.60 -19.29 14.89
C ASP A 236 7.42 -18.48 15.49
N HIS A 237 6.52 -17.99 14.65
CA HIS A 237 5.30 -17.29 15.14
C HIS A 237 5.55 -16.21 16.19
N GLN A 238 6.35 -15.23 15.76
CA GLN A 238 6.63 -14.07 16.59
C GLN A 238 5.40 -13.20 16.65
N LEU A 239 5.08 -12.73 17.83
CA LEU A 239 4.00 -11.75 18.02
C LEU A 239 4.61 -10.37 17.71
N THR A 240 4.09 -9.68 16.70
CA THR A 240 4.70 -8.43 16.31
C THR A 240 3.87 -7.21 16.76
N GLU A 241 2.60 -7.19 16.36
CA GLU A 241 1.67 -6.07 16.65
C GLU A 241 0.29 -6.61 16.82
N VAL A 242 -0.61 -5.78 17.35
CA VAL A 242 -1.99 -6.19 17.53
C VAL A 242 -2.88 -5.14 16.91
N GLY A 243 -3.61 -5.54 15.87
CA GLY A 243 -4.45 -4.60 15.13
C GLY A 243 -3.57 -3.53 14.56
N THR A 244 -3.81 -2.26 14.94
CA THR A 244 -2.96 -1.14 14.53
C THR A 244 -2.13 -0.66 15.74
N MET A 245 -1.82 -1.55 16.68
CA MET A 245 -1.17 -1.21 17.94
C MET A 245 0.07 -2.05 18.20
N ASN A 246 0.96 -1.52 19.05
CA ASN A 246 2.12 -2.31 19.52
C ASN A 246 1.68 -3.24 20.63
N ILE A 247 2.40 -4.34 20.79
CA ILE A 247 2.04 -5.36 21.77
C ILE A 247 3.11 -5.44 22.86
N PHE A 248 2.63 -5.55 24.08
CA PHE A 248 3.48 -5.61 25.29
C PHE A 248 3.06 -6.81 26.11
N VAL A 249 4.04 -7.48 26.72
CA VAL A 249 3.76 -8.58 27.62
C VAL A 249 4.48 -8.29 28.95
N TYR A 250 3.73 -8.41 30.02
CA TYR A 250 4.27 -8.27 31.39
C TYR A 250 4.17 -9.65 32.04
N TRP A 251 5.34 -10.21 32.32
CA TRP A 251 5.44 -11.57 32.83
C TRP A 251 6.75 -11.77 33.61
N THR A 252 6.86 -12.96 34.19
CA THR A 252 8.09 -13.41 34.78
C THR A 252 8.68 -14.27 33.71
N HIS A 253 9.86 -13.90 33.23
CA HIS A 253 10.46 -14.58 32.11
C HIS A 253 10.97 -15.97 32.54
N GLU A 254 11.36 -16.79 31.57
CA GLU A 254 11.90 -18.14 31.81
C GLU A 254 13.08 -18.15 32.78
N ASP A 255 13.82 -17.06 32.83
CA ASP A 255 14.93 -16.88 33.75
C ASP A 255 14.51 -16.40 35.16
N GLY A 256 13.22 -16.38 35.48
CA GLY A 256 12.73 -15.95 36.79
C GLY A 256 12.65 -14.44 37.05
N VAL A 257 12.97 -13.62 36.05
CA VAL A 257 12.94 -12.16 36.23
C VAL A 257 11.61 -11.55 35.75
N LEU A 258 10.97 -10.78 36.62
CA LEU A 258 9.76 -10.03 36.25
C LEU A 258 10.17 -9.06 35.17
N GLU A 259 9.41 -9.05 34.08
CA GLU A 259 9.82 -8.27 32.93
C GLU A 259 8.65 -7.77 32.10
N LEU A 260 8.82 -6.57 31.55
CA LEU A 260 7.96 -6.00 30.51
C LEU A 260 8.71 -6.13 29.19
N VAL A 261 8.11 -6.81 28.22
CA VAL A 261 8.75 -7.01 26.93
C VAL A 261 7.87 -6.52 25.78
N THR A 262 8.51 -5.95 24.78
CA THR A 262 7.85 -5.60 23.54
C THR A 262 8.82 -5.90 22.37
N PRO A 263 8.30 -6.30 21.20
CA PRO A 263 9.16 -6.61 20.08
C PRO A 263 10.07 -5.47 19.66
N PRO A 264 11.28 -5.81 19.20
CA PRO A 264 12.24 -4.81 18.85
C PRO A 264 11.96 -4.19 17.50
N LEU A 265 12.52 -3.02 17.28
CA LEU A 265 12.38 -2.31 16.01
C LEU A 265 13.34 -2.85 14.96
N ASN A 266 13.03 -4.04 14.44
CA ASN A 266 13.88 -4.71 13.46
C ASN A 266 13.33 -4.72 12.02
N GLY A 267 12.39 -3.84 11.72
CA GLY A 267 11.82 -3.73 10.40
C GLY A 267 10.34 -4.07 10.29
N VAL A 268 9.82 -4.93 11.16
CA VAL A 268 8.41 -5.33 11.05
C VAL A 268 7.50 -4.61 12.06
N ILE A 269 8.10 -3.77 12.90
CA ILE A 269 7.37 -3.10 13.98
C ILE A 269 7.27 -1.60 13.68
N LEU A 270 6.06 -1.06 13.76
CA LEU A 270 5.88 0.37 13.62
C LEU A 270 6.31 1.01 14.94
N PRO A 271 7.25 1.97 14.91
CA PRO A 271 7.69 2.56 16.18
C PRO A 271 6.68 3.54 16.76
N GLY A 272 5.78 3.01 17.58
CA GLY A 272 4.70 3.79 18.16
C GLY A 272 5.18 4.80 19.19
N VAL A 273 4.50 5.94 19.23
CA VAL A 273 4.79 7.02 20.17
C VAL A 273 4.41 6.57 21.58
N VAL A 274 3.28 5.90 21.71
CA VAL A 274 2.88 5.39 22.99
C VAL A 274 3.82 4.29 23.44
N ARG A 275 4.16 3.37 22.52
CA ARG A 275 5.11 2.32 22.79
C ARG A 275 6.42 2.91 23.33
N GLN A 276 6.97 3.91 22.68
CA GLN A 276 8.22 4.45 23.20
C GLN A 276 8.00 5.07 24.58
N SER A 277 6.83 5.67 24.80
CA SER A 277 6.52 6.31 26.06
C SER A 277 6.37 5.32 27.19
N LEU A 278 5.85 4.14 26.88
CA LEU A 278 5.68 3.15 27.90
C LEU A 278 7.05 2.62 28.32
N LEU A 279 7.93 2.35 27.34
CA LEU A 279 9.31 1.96 27.64
C LEU A 279 10.03 3.02 28.48
N ASP A 280 9.93 4.28 28.08
CA ASP A 280 10.56 5.38 28.81
C ASP A 280 10.09 5.43 30.27
N MET A 281 8.77 5.45 30.47
CA MET A 281 8.17 5.44 31.81
C MET A 281 8.63 4.26 32.63
N ALA A 282 8.47 3.06 32.10
CA ALA A 282 8.85 1.85 32.84
C ALA A 282 10.36 1.82 33.16
N GLN A 283 11.19 2.20 32.19
CA GLN A 283 12.63 2.25 32.42
C GLN A 283 12.93 3.17 33.59
N THR A 284 12.31 4.33 33.56
CA THR A 284 12.51 5.33 34.57
C THR A 284 12.11 4.86 35.98
N TRP A 285 10.99 4.17 36.12
CA TRP A 285 10.60 3.67 37.44
C TRP A 285 11.67 2.76 37.99
N GLY A 286 12.30 1.97 37.14
CA GLY A 286 13.35 1.08 37.54
C GLY A 286 12.92 -0.04 38.48
N GLU A 287 11.68 -0.48 38.39
CA GLU A 287 11.24 -1.53 39.31
C GLU A 287 11.31 -2.94 38.75
N PHE A 288 11.51 -3.08 37.45
CA PHE A 288 11.53 -4.39 36.84
C PHE A 288 12.24 -4.28 35.51
N ARG A 289 12.61 -5.41 34.96
CA ARG A 289 13.35 -5.41 33.73
C ARG A 289 12.42 -4.98 32.56
N VAL A 290 12.97 -4.12 31.70
CA VAL A 290 12.27 -3.56 30.55
C VAL A 290 13.12 -3.79 29.35
N VAL A 291 12.61 -4.59 28.41
CA VAL A 291 13.37 -5.00 27.26
C VAL A 291 12.61 -5.02 25.95
N GLU A 292 13.37 -4.89 24.86
CA GLU A 292 12.87 -5.07 23.51
C GLU A 292 13.49 -6.36 23.01
N ARG A 293 12.63 -7.36 22.81
CA ARG A 293 13.04 -8.70 22.40
C ARG A 293 11.90 -9.35 21.66
N THR A 294 12.18 -10.28 20.75
CA THR A 294 11.09 -10.97 20.07
C THR A 294 10.36 -11.82 21.11
N ILE A 295 9.10 -12.13 20.83
CA ILE A 295 8.23 -12.89 21.70
C ILE A 295 7.58 -13.89 20.76
N THR A 296 7.67 -15.18 21.07
CA THR A 296 7.10 -16.20 20.21
C THR A 296 5.85 -16.79 20.80
N MET A 297 5.01 -17.37 19.96
CA MET A 297 3.79 -18.01 20.49
C MET A 297 4.16 -19.16 21.43
N LYS A 298 5.29 -19.81 21.14
CA LYS A 298 5.76 -20.93 21.96
C LYS A 298 6.15 -20.48 23.37
N GLN A 299 6.82 -19.33 23.50
CA GLN A 299 7.16 -18.79 24.80
C GLN A 299 5.92 -18.36 25.57
N LEU A 300 4.97 -17.75 24.86
CA LEU A 300 3.73 -17.32 25.51
C LEU A 300 2.93 -18.52 26.01
N LEU A 301 2.77 -19.55 25.18
CA LEU A 301 2.02 -20.75 25.58
C LEU A 301 2.64 -21.35 26.83
N ARG A 302 3.94 -21.52 26.80
CA ARG A 302 4.65 -22.05 27.94
C ARG A 302 4.43 -21.17 29.16
N ALA A 303 4.61 -19.85 29.02
CA ALA A 303 4.45 -18.93 30.15
C ALA A 303 3.04 -18.92 30.74
N LEU A 304 2.02 -19.09 29.90
CA LEU A 304 0.64 -19.19 30.38
C LEU A 304 0.43 -20.51 31.12
N GLU A 305 1.01 -21.59 30.61
CA GLU A 305 0.90 -22.90 31.29
C GLU A 305 1.53 -22.84 32.68
N GLU A 306 2.61 -22.08 32.82
CA GLU A 306 3.29 -21.93 34.11
C GLU A 306 2.81 -20.76 34.98
N GLY A 307 1.70 -20.12 34.62
CA GLY A 307 1.17 -18.98 35.38
C GLY A 307 2.19 -17.85 35.49
N ARG A 308 3.00 -17.66 34.45
CA ARG A 308 4.00 -16.62 34.50
C ARG A 308 3.54 -15.27 33.89
N VAL A 309 2.46 -15.29 33.10
CA VAL A 309 1.94 -14.10 32.43
C VAL A 309 1.02 -13.33 33.37
N ARG A 310 1.28 -12.04 33.53
N ARG A 310 1.29 -12.04 33.54
CA ARG A 310 0.44 -11.18 34.34
CA ARG A 310 0.45 -11.17 34.34
C ARG A 310 -0.50 -10.39 33.46
C ARG A 310 -0.51 -10.40 33.44
N GLU A 311 0.07 -9.67 32.48
CA GLU A 311 -0.72 -8.77 31.61
C GLU A 311 -0.20 -8.71 30.20
N VAL A 312 -1.13 -8.77 29.24
CA VAL A 312 -0.83 -8.54 27.84
C VAL A 312 -1.68 -7.36 27.36
N PHE A 313 -1.11 -6.49 26.57
CA PHE A 313 -1.86 -5.31 26.11
C PHE A 313 -1.26 -4.68 24.88
N GLY A 314 -2.12 -3.97 24.17
CA GLY A 314 -1.73 -3.21 23.01
C GLY A 314 -1.53 -1.78 23.43
N SER A 315 -0.71 -1.04 22.69
CA SER A 315 -0.52 0.36 22.94
C SER A 315 -0.70 1.11 21.64
N GLY A 316 -1.31 2.27 21.71
CA GLY A 316 -1.47 3.09 20.51
C GLY A 316 -2.26 4.33 20.84
N THR A 317 -2.23 5.30 19.94
CA THR A 317 -2.93 6.58 20.16
C THR A 317 -4.44 6.38 20.45
N ALA A 318 -5.04 5.36 19.85
CA ALA A 318 -6.46 5.09 20.00
C ALA A 318 -6.92 4.99 21.46
N CYS A 319 -6.30 4.06 22.19
CA CYS A 319 -6.69 3.71 23.56
C CYS A 319 -5.65 4.06 24.63
N GLN A 320 -4.41 4.26 24.19
CA GLN A 320 -3.23 4.40 25.03
C GLN A 320 -2.77 2.96 25.36
N VAL A 321 -3.53 2.23 26.16
N VAL A 321 -3.50 2.23 26.20
CA VAL A 321 -3.20 0.84 26.48
CA VAL A 321 -3.20 0.83 26.45
C VAL A 321 -4.48 0.03 26.62
C VAL A 321 -4.50 0.06 26.56
N CYS A 322 -4.57 -1.07 25.88
CA CYS A 322 -5.78 -1.89 25.86
C CYS A 322 -5.49 -3.33 26.25
N PRO A 323 -6.16 -3.81 27.31
CA PRO A 323 -5.87 -5.16 27.79
C PRO A 323 -6.36 -6.23 26.86
N VAL A 324 -5.65 -7.36 26.85
CA VAL A 324 -6.03 -8.54 26.11
C VAL A 324 -6.41 -9.64 27.10
N HIS A 325 -7.58 -10.28 26.88
CA HIS A 325 -8.01 -11.36 27.73
C HIS A 325 -8.01 -12.72 27.07
N ARG A 326 -7.90 -12.76 25.75
CA ARG A 326 -8.00 -14.04 25.05
C ARG A 326 -7.30 -14.01 23.72
N ILE A 327 -6.70 -15.13 23.35
CA ILE A 327 -6.06 -15.28 22.05
C ILE A 327 -6.48 -16.62 21.50
N LEU A 328 -7.09 -16.59 20.31
CA LEU A 328 -7.42 -17.83 19.61
C LEU A 328 -6.26 -18.14 18.68
N TYR A 329 -5.50 -19.15 19.02
CA TYR A 329 -4.35 -19.54 18.21
C TYR A 329 -4.68 -20.87 17.55
N LYS A 330 -4.92 -20.81 16.23
CA LYS A 330 -5.43 -21.95 15.47
C LYS A 330 -6.82 -22.29 16.03
N ASP A 331 -6.97 -23.44 16.69
CA ASP A 331 -8.22 -23.81 17.37
C ASP A 331 -8.15 -23.61 18.87
N ARG A 332 -6.95 -23.50 19.42
N ARG A 332 -6.95 -23.46 19.41
CA ARG A 332 -6.79 -23.38 20.86
CA ARG A 332 -6.72 -23.35 20.85
C ARG A 332 -7.14 -21.98 21.36
C ARG A 332 -7.12 -21.97 21.37
N ASN A 333 -8.11 -21.94 22.27
CA ASN A 333 -8.56 -20.71 22.89
C ASN A 333 -7.74 -20.47 24.16
N LEU A 334 -6.93 -19.42 24.17
CA LEU A 334 -6.03 -19.18 25.29
C LEU A 334 -6.54 -18.06 26.14
N HIS A 335 -6.74 -18.33 27.43
CA HIS A 335 -7.11 -17.25 28.34
C HIS A 335 -5.86 -16.52 28.76
N ILE A 336 -5.93 -15.19 28.75
CA ILE A 336 -4.82 -14.34 29.15
C ILE A 336 -5.32 -13.66 30.41
N PRO A 337 -4.61 -13.82 31.53
CA PRO A 337 -5.14 -13.39 32.83
C PRO A 337 -4.92 -11.91 33.17
N THR A 338 -4.91 -11.05 32.15
CA THR A 338 -4.67 -9.65 32.36
C THR A 338 -5.62 -9.09 33.43
N MET A 339 -6.91 -9.32 33.27
CA MET A 339 -7.87 -8.70 34.19
C MET A 339 -7.79 -9.30 35.58
N GLU A 340 -7.33 -10.53 35.71
CA GLU A 340 -7.19 -11.12 37.03
C GLU A 340 -5.93 -10.64 37.77
N ASN A 341 -5.13 -9.79 37.14
CA ASN A 341 -3.88 -9.27 37.72
C ASN A 341 -3.92 -7.76 37.86
N GLY A 342 -5.13 -7.22 38.02
CA GLY A 342 -5.34 -5.81 38.23
C GLY A 342 -6.31 -5.21 37.24
N PRO A 343 -5.89 -4.94 36.00
CA PRO A 343 -4.52 -5.10 35.52
C PRO A 343 -3.61 -3.99 36.05
N GLU A 344 -2.72 -4.36 36.96
CA GLU A 344 -1.95 -3.37 37.71
C GLU A 344 -1.07 -2.46 36.87
N LEU A 345 -0.27 -3.02 35.99
CA LEU A 345 0.64 -2.22 35.19
C LEU A 345 -0.13 -1.36 34.19
N ILE A 346 -1.10 -1.96 33.54
CA ILE A 346 -1.97 -1.22 32.64
C ILE A 346 -2.61 -0.01 33.34
N LEU A 347 -3.17 -0.22 34.54
CA LEU A 347 -3.82 0.89 35.24
C LEU A 347 -2.80 1.95 35.60
N ARG A 348 -1.62 1.52 36.03
CA ARG A 348 -0.57 2.46 36.37
C ARG A 348 -0.16 3.31 35.14
N PHE A 349 0.05 2.68 34.00
CA PHE A 349 0.35 3.43 32.79
C PHE A 349 -0.78 4.42 32.45
N GLN A 350 -2.02 3.97 32.47
N GLN A 350 -2.04 3.97 32.43
CA GLN A 350 -3.15 4.83 32.12
CA GLN A 350 -3.15 4.87 32.08
C GLN A 350 -3.22 6.05 33.01
C GLN A 350 -3.19 6.09 33.01
N LYS A 351 -2.98 5.85 34.30
CA LYS A 351 -3.04 6.93 35.29
C LYS A 351 -1.97 7.96 35.06
N GLU A 352 -0.74 7.50 34.94
CA GLU A 352 0.37 8.41 34.75
C GLU A 352 0.26 9.14 33.41
N LEU A 353 -0.17 8.46 32.35
CA LEU A 353 -0.38 9.12 31.05
C LEU A 353 -1.51 10.16 31.11
N LYS A 354 -2.62 9.80 31.73
CA LYS A 354 -3.73 10.72 31.92
C LYS A 354 -3.24 11.98 32.65
N GLU A 355 -2.48 11.77 33.72
CA GLU A 355 -1.96 12.91 34.48
C GLU A 355 -1.13 13.87 33.62
N ILE A 356 -0.28 13.30 32.79
CA ILE A 356 0.60 14.07 31.92
C ILE A 356 -0.20 14.74 30.82
N GLN A 357 -1.09 13.96 30.18
CA GLN A 357 -1.82 14.42 29.02
C GLN A 357 -2.83 15.53 29.30
N TYR A 358 -3.53 15.42 30.43
CA TYR A 358 -4.56 16.40 30.78
C TYR A 358 -4.06 17.53 31.67
N GLY A 359 -2.74 17.69 31.73
CA GLY A 359 -2.12 18.80 32.46
C GLY A 359 -2.16 18.70 33.98
N ILE A 360 -2.54 17.54 34.51
CA ILE A 360 -2.57 17.34 35.96
C ILE A 360 -1.16 17.52 36.53
N ARG A 361 -0.14 17.09 35.79
CA ARG A 361 1.25 17.36 36.18
C ARG A 361 2.06 17.79 34.95
N ALA A 362 2.59 19.03 34.99
CA ALA A 362 3.35 19.63 33.88
C ALA A 362 4.51 18.75 33.45
N HIS A 363 4.72 18.66 32.14
CA HIS A 363 5.69 17.70 31.61
C HIS A 363 6.22 18.08 30.23
N GLU A 364 7.52 17.90 30.05
CA GLU A 364 8.19 18.13 28.76
C GLU A 364 7.56 17.38 27.57
N TRP A 365 6.81 16.32 27.84
CA TRP A 365 6.17 15.54 26.77
C TRP A 365 5.00 16.29 26.12
N MET A 366 4.46 17.27 26.83
CA MET A 366 3.33 18.03 26.34
C MET A 366 3.75 19.33 25.63
N PHE A 367 3.04 19.64 24.56
CA PHE A 367 3.31 20.80 23.71
C PHE A 367 2.04 21.62 23.72
N PRO A 368 2.09 22.82 24.32
CA PRO A 368 0.84 23.60 24.43
C PRO A 368 0.36 24.15 23.09
N VAL A 369 -0.93 24.12 22.87
CA VAL A 369 -1.47 24.76 21.69
C VAL A 369 -1.57 26.27 21.99
N SER B 7 -24.95 -7.24 -6.86
CA SER B 7 -25.25 -7.29 -8.32
C SER B 7 -24.50 -6.19 -9.08
N SER B 8 -23.84 -6.57 -10.17
CA SER B 8 -23.03 -5.63 -10.96
C SER B 8 -23.83 -4.56 -11.66
N PHE B 9 -23.11 -3.51 -12.07
CA PHE B 9 -23.64 -2.53 -13.01
C PHE B 9 -23.77 -3.27 -14.35
N LYS B 10 -24.47 -2.67 -15.30
CA LYS B 10 -24.68 -3.27 -16.61
C LYS B 10 -24.29 -2.31 -17.73
N ALA B 11 -23.65 -2.84 -18.76
CA ALA B 11 -23.29 -2.02 -19.90
C ALA B 11 -24.54 -1.43 -20.56
N ALA B 12 -25.64 -2.19 -20.54
CA ALA B 12 -26.94 -1.72 -21.08
C ALA B 12 -27.33 -0.34 -20.52
N ASP B 13 -27.05 -0.13 -19.23
CA ASP B 13 -27.39 1.13 -18.56
C ASP B 13 -26.44 2.28 -18.85
N LEU B 14 -25.43 2.07 -19.68
CA LEU B 14 -24.44 3.12 -19.94
C LEU B 14 -25.07 4.47 -20.23
N GLN B 15 -24.60 5.48 -19.51
CA GLN B 15 -24.96 6.85 -19.75
C GLN B 15 -23.80 7.42 -20.54
N LEU B 16 -24.05 7.85 -21.76
CA LEU B 16 -23.01 8.49 -22.54
C LEU B 16 -23.16 9.99 -22.39
N GLU B 17 -22.05 10.66 -22.13
CA GLU B 17 -22.01 12.12 -22.15
C GLU B 17 -20.79 12.51 -22.97
N MET B 18 -21.01 12.78 -24.25
CA MET B 18 -19.92 13.17 -25.12
C MET B 18 -19.29 14.47 -24.66
N THR B 19 -18.04 14.69 -25.05
CA THR B 19 -17.30 15.85 -24.62
C THR B 19 -17.83 17.10 -25.31
N GLN B 20 -17.71 18.22 -24.64
CA GLN B 20 -18.12 19.50 -25.18
C GLN B 20 -17.01 20.00 -26.09
N LYS B 21 -15.77 19.94 -25.59
CA LYS B 21 -14.63 20.49 -26.30
C LYS B 21 -13.49 19.48 -26.35
N PRO B 22 -13.43 18.65 -27.42
CA PRO B 22 -12.40 17.64 -27.67
C PRO B 22 -10.96 18.19 -27.64
N HIS B 23 -10.02 17.38 -27.16
CA HIS B 23 -8.60 17.78 -27.13
C HIS B 23 -7.92 17.31 -28.40
N LYS B 24 -6.88 18.05 -28.78
CA LYS B 24 -6.10 17.74 -29.97
C LYS B 24 -5.19 16.54 -29.70
N LYS B 25 -5.07 15.65 -30.67
CA LYS B 25 -4.19 14.47 -30.57
C LYS B 25 -2.71 14.88 -30.64
N PRO B 26 -1.79 13.95 -30.31
CA PRO B 26 -0.36 14.26 -30.42
C PRO B 26 0.11 14.51 -31.86
N LEU B 32 5.62 10.76 -27.35
CA LEU B 32 4.70 10.21 -26.34
C LEU B 32 5.45 9.57 -25.19
N VAL B 33 5.56 10.28 -24.07
CA VAL B 33 6.09 9.68 -22.84
C VAL B 33 4.94 8.85 -22.26
N PHE B 34 5.23 7.62 -21.84
CA PHE B 34 4.19 6.73 -21.30
C PHE B 34 3.41 7.35 -20.13
N GLY B 35 2.09 7.22 -20.20
CA GLY B 35 1.20 7.60 -19.11
C GLY B 35 1.02 9.08 -18.78
N LYS B 36 1.32 9.98 -19.71
CA LYS B 36 1.09 11.42 -19.45
C LYS B 36 0.00 12.05 -20.33
N THR B 37 -0.28 11.44 -21.48
CA THR B 37 -1.29 11.95 -22.40
C THR B 37 -2.55 11.13 -22.25
N PHE B 38 -3.68 11.78 -22.02
CA PHE B 38 -4.93 11.05 -21.85
C PHE B 38 -5.94 11.39 -22.91
N THR B 39 -6.91 10.52 -23.10
CA THR B 39 -7.93 10.75 -24.12
C THR B 39 -9.11 11.56 -23.58
N ASP B 40 -10.12 11.76 -24.44
CA ASP B 40 -11.26 12.63 -24.15
C ASP B 40 -12.23 12.11 -23.11
N HIS B 41 -12.40 10.80 -22.98
CA HIS B 41 -13.41 10.25 -22.08
C HIS B 41 -12.83 9.25 -21.09
N MET B 42 -13.65 8.91 -20.09
CA MET B 42 -13.28 7.98 -19.05
C MET B 42 -14.53 7.28 -18.65
N LEU B 43 -14.39 6.09 -18.11
CA LEU B 43 -15.51 5.38 -17.55
C LEU B 43 -15.54 5.75 -16.08
N MET B 44 -16.75 5.84 -15.52
CA MET B 44 -16.92 6.09 -14.10
C MET B 44 -18.12 5.32 -13.60
N VAL B 45 -17.94 4.58 -12.52
CA VAL B 45 -19.07 3.93 -11.89
C VAL B 45 -18.91 4.10 -10.37
N GLU B 46 -20.01 4.45 -9.71
CA GLU B 46 -20.04 4.64 -8.27
C GLU B 46 -20.72 3.48 -7.62
N TRP B 47 -20.27 3.15 -6.42
CA TRP B 47 -20.88 2.09 -5.65
C TRP B 47 -21.17 2.61 -4.26
N ASN B 48 -22.22 2.09 -3.64
CA ASN B 48 -22.53 2.42 -2.27
C ASN B 48 -23.51 1.41 -1.69
N ASP B 49 -24.15 1.76 -0.58
CA ASP B 49 -25.13 0.88 0.07
C ASP B 49 -26.29 0.49 -0.87
N LYS B 50 -26.63 1.34 -1.83
CA LYS B 50 -27.64 1.03 -2.85
C LYS B 50 -27.05 0.22 -4.01
N GLY B 51 -25.86 -0.35 -3.84
CA GLY B 51 -25.19 -1.10 -4.89
C GLY B 51 -24.54 -0.20 -5.93
N TRP B 52 -24.27 -0.76 -7.10
CA TRP B 52 -23.63 0.00 -8.16
C TRP B 52 -24.59 0.98 -8.77
N GLY B 53 -24.10 2.19 -9.06
CA GLY B 53 -24.88 3.13 -9.81
C GLY B 53 -24.85 2.69 -11.26
N GLN B 54 -25.20 3.61 -12.15
CA GLN B 54 -25.15 3.31 -13.57
C GLN B 54 -23.80 3.72 -14.09
N PRO B 55 -23.23 2.92 -14.98
CA PRO B 55 -21.96 3.32 -15.55
C PRO B 55 -22.14 4.48 -16.46
N ARG B 56 -21.12 5.32 -16.56
CA ARG B 56 -21.18 6.41 -17.47
C ARG B 56 -19.84 6.69 -18.13
N ILE B 57 -19.88 6.89 -19.44
CA ILE B 57 -18.74 7.38 -20.16
C ILE B 57 -18.97 8.85 -20.17
N GLN B 58 -18.01 9.58 -19.64
CA GLN B 58 -18.13 11.00 -19.46
C GLN B 58 -16.82 11.58 -19.90
N PRO B 59 -16.76 12.90 -20.10
CA PRO B 59 -15.48 13.44 -20.49
C PRO B 59 -14.47 13.18 -19.39
N PHE B 60 -13.20 13.27 -19.77
CA PHE B 60 -12.08 13.11 -18.85
C PHE B 60 -12.14 14.29 -17.92
N GLN B 61 -12.04 14.05 -16.61
CA GLN B 61 -12.16 15.10 -15.62
C GLN B 61 -11.63 14.63 -14.27
N ASN B 62 -11.48 15.58 -13.36
CA ASN B 62 -10.97 15.30 -12.03
C ASN B 62 -11.88 14.47 -11.16
N LEU B 63 -11.24 13.84 -10.19
CA LEU B 63 -11.96 13.14 -9.16
C LEU B 63 -12.17 14.12 -7.98
N THR B 64 -13.33 14.04 -7.37
CA THR B 64 -13.65 14.81 -6.18
C THR B 64 -13.76 13.80 -5.08
N LEU B 65 -12.87 13.90 -4.09
CA LEU B 65 -12.81 12.95 -2.98
C LEU B 65 -12.82 13.63 -1.62
N HIS B 66 -13.60 13.07 -0.72
CA HIS B 66 -13.58 13.45 0.67
C HIS B 66 -12.11 13.31 1.19
N PRO B 67 -11.65 14.24 2.03
CA PRO B 67 -10.27 14.20 2.50
C PRO B 67 -9.94 13.01 3.41
N ALA B 68 -10.97 12.35 3.93
CA ALA B 68 -10.90 11.09 4.68
C ALA B 68 -11.02 9.82 3.79
N SER B 69 -11.07 9.97 2.46
CA SER B 69 -11.28 8.82 1.59
C SER B 69 -10.30 7.70 1.95
N SER B 70 -10.82 6.51 2.17
CA SER B 70 -9.99 5.35 2.49
C SER B 70 -9.00 4.98 1.37
N SER B 71 -9.26 5.43 0.15
CA SER B 71 -8.33 5.26 -0.96
C SER B 71 -6.99 5.96 -0.69
N LEU B 72 -7.03 7.03 0.09
CA LEU B 72 -5.87 7.87 0.36
C LEU B 72 -5.23 7.65 1.72
N HIS B 73 -5.97 7.10 2.65
CA HIS B 73 -5.44 6.82 4.00
C HIS B 73 -4.94 5.40 4.15
N TYR B 74 -5.71 4.42 3.66
CA TYR B 74 -5.39 3.01 3.84
C TYR B 74 -5.22 2.19 2.58
N SER B 75 -4.90 2.88 1.50
CA SER B 75 -4.56 2.26 0.24
C SER B 75 -5.61 1.25 -0.26
N LEU B 76 -6.89 1.60 -0.13
CA LEU B 76 -7.95 0.75 -0.72
C LEU B 76 -8.00 1.16 -2.19
N GLN B 77 -7.07 0.58 -2.94
CA GLN B 77 -6.86 0.92 -4.34
C GLN B 77 -6.22 -0.27 -5.06
N LEU B 78 -6.71 -0.52 -6.26
CA LEU B 78 -6.17 -1.53 -7.15
C LEU B 78 -6.32 -1.01 -8.58
N PHE B 79 -5.50 -1.55 -9.48
CA PHE B 79 -5.54 -1.14 -10.86
C PHE B 79 -5.25 -2.32 -11.79
N GLU B 80 -5.44 -2.05 -13.06
CA GLU B 80 -5.08 -2.98 -14.12
C GLU B 80 -4.40 -2.22 -15.21
N GLY B 81 -3.79 -2.98 -16.11
CA GLY B 81 -3.04 -2.43 -17.21
C GLY B 81 -3.10 -3.38 -18.38
N MET B 82 -3.60 -2.90 -19.50
CA MET B 82 -3.73 -3.73 -20.70
C MET B 82 -3.70 -2.83 -21.92
N LYS B 83 -3.50 -3.42 -23.10
CA LYS B 83 -3.33 -2.63 -24.32
C LYS B 83 -4.33 -2.98 -25.42
N ALA B 84 -4.73 -1.95 -26.16
CA ALA B 84 -5.56 -2.09 -27.34
C ALA B 84 -4.63 -1.76 -28.47
N PHE B 85 -4.75 -2.49 -29.58
CA PHE B 85 -3.85 -2.31 -30.71
C PHE B 85 -4.67 -2.04 -31.98
N LYS B 86 -4.21 -1.14 -32.81
CA LYS B 86 -4.91 -0.81 -34.06
C LYS B 86 -4.11 -1.44 -35.19
N GLY B 87 -4.71 -2.42 -35.87
CA GLY B 87 -4.05 -3.15 -36.97
C GLY B 87 -4.13 -2.41 -38.28
N LYS B 88 -3.53 -2.97 -39.34
CA LYS B 88 -3.54 -2.32 -40.67
C LYS B 88 -4.95 -2.15 -41.23
N ASP B 89 -5.85 -3.06 -40.87
CA ASP B 89 -7.26 -2.92 -41.18
C ASP B 89 -7.96 -1.88 -40.32
N GLN B 90 -7.20 -1.18 -39.46
CA GLN B 90 -7.68 -0.07 -38.63
C GLN B 90 -8.71 -0.49 -37.57
N GLN B 91 -8.91 -1.79 -37.43
CA GLN B 91 -9.71 -2.38 -36.38
C GLN B 91 -8.85 -2.35 -35.11
N VAL B 92 -9.49 -2.08 -33.97
CA VAL B 92 -8.82 -2.05 -32.67
C VAL B 92 -9.16 -3.32 -31.91
N ARG B 93 -8.12 -3.93 -31.35
CA ARG B 93 -8.25 -5.15 -30.59
C ARG B 93 -7.55 -5.05 -29.25
N LEU B 94 -8.15 -5.65 -28.22
CA LEU B 94 -7.56 -5.77 -26.90
C LEU B 94 -6.94 -7.14 -26.81
N PHE B 95 -5.76 -7.21 -26.22
CA PHE B 95 -5.09 -8.48 -25.97
C PHE B 95 -5.52 -9.16 -24.67
N ARG B 96 -6.13 -10.34 -24.80
CA ARG B 96 -6.57 -11.18 -23.70
C ARG B 96 -7.19 -10.43 -22.49
N PRO B 97 -8.10 -9.49 -22.76
CA PRO B 97 -8.66 -8.64 -21.68
C PRO B 97 -9.39 -9.39 -20.58
N TRP B 98 -9.92 -10.57 -20.89
CA TRP B 98 -10.62 -11.40 -19.92
C TRP B 98 -9.68 -11.72 -18.74
N LEU B 99 -8.39 -11.89 -19.01
CA LEU B 99 -7.43 -12.21 -17.93
C LEU B 99 -7.25 -11.03 -17.01
N ASN B 100 -7.22 -9.83 -17.56
CA ASN B 100 -7.15 -8.65 -16.74
C ASN B 100 -8.39 -8.48 -15.86
N MET B 101 -9.55 -8.82 -16.42
CA MET B 101 -10.81 -8.71 -15.68
C MET B 101 -10.81 -9.71 -14.54
N ASP B 102 -10.34 -10.93 -14.81
CA ASP B 102 -10.21 -11.95 -13.78
C ASP B 102 -9.33 -11.47 -12.64
N ARG B 103 -8.17 -10.92 -13.00
CA ARG B 103 -7.20 -10.47 -12.01
C ARG B 103 -7.73 -9.25 -11.20
N MET B 104 -8.37 -8.32 -11.88
CA MET B 104 -8.95 -7.17 -11.20
C MET B 104 -10.00 -7.57 -10.15
N LEU B 105 -10.82 -8.55 -10.47
CA LEU B 105 -11.83 -9.02 -9.53
C LEU B 105 -11.19 -9.69 -8.33
N ARG B 106 -10.10 -10.46 -8.55
CA ARG B 106 -9.41 -11.10 -7.45
C ARG B 106 -8.86 -10.02 -6.51
N SER B 107 -8.30 -8.97 -7.09
CA SER B 107 -7.76 -7.84 -6.34
C SER B 107 -8.83 -7.15 -5.49
N ALA B 108 -9.99 -6.90 -6.11
CA ALA B 108 -11.12 -6.31 -5.44
C ALA B 108 -11.50 -7.13 -4.21
N MET B 109 -11.61 -8.44 -4.37
CA MET B 109 -11.98 -9.28 -3.24
C MET B 109 -10.93 -9.23 -2.12
N ARG B 110 -9.66 -9.18 -2.51
CA ARG B 110 -8.59 -9.12 -1.51
C ARG B 110 -8.67 -7.85 -0.68
N LEU B 111 -9.08 -6.73 -1.26
CA LEU B 111 -9.22 -5.48 -0.54
C LEU B 111 -10.65 -5.18 -0.05
N CYS B 112 -11.55 -6.17 -0.07
CA CYS B 112 -12.95 -6.00 0.36
C CYS B 112 -13.68 -4.89 -0.40
N LEU B 113 -13.33 -4.74 -1.66
CA LEU B 113 -13.99 -3.76 -2.51
C LEU B 113 -15.08 -4.52 -3.26
N PRO B 114 -16.08 -3.81 -3.77
CA PRO B 114 -17.24 -4.47 -4.37
C PRO B 114 -16.93 -5.30 -5.62
N SER B 115 -17.53 -6.49 -5.63
CA SER B 115 -17.49 -7.40 -6.76
C SER B 115 -18.30 -6.77 -7.90
N PHE B 116 -17.99 -7.19 -9.13
CA PHE B 116 -18.67 -6.72 -10.33
C PHE B 116 -18.64 -7.84 -11.35
N ASP B 117 -19.36 -7.65 -12.45
CA ASP B 117 -19.43 -8.67 -13.49
C ASP B 117 -18.34 -8.36 -14.50
N LYS B 118 -17.48 -9.34 -14.74
CA LYS B 118 -16.31 -9.14 -15.58
C LYS B 118 -16.66 -8.78 -17.02
N LEU B 119 -17.69 -9.44 -17.54
CA LEU B 119 -18.14 -9.18 -18.90
C LEU B 119 -18.80 -7.82 -18.99
N GLU B 120 -19.54 -7.41 -17.95
CA GLU B 120 -20.12 -6.06 -18.02
C GLU B 120 -19.06 -4.98 -18.08
N LEU B 121 -18.00 -5.12 -17.26
CA LEU B 121 -16.95 -4.10 -17.24
C LEU B 121 -16.17 -4.10 -18.55
N LEU B 122 -15.90 -5.29 -19.08
CA LEU B 122 -15.22 -5.37 -20.39
C LEU B 122 -16.04 -4.68 -21.48
N GLU B 123 -17.36 -4.91 -21.51
CA GLU B 123 -18.20 -4.24 -22.52
C GLU B 123 -18.12 -2.72 -22.33
N CYS B 124 -18.20 -2.25 -21.09
CA CYS B 124 -18.08 -0.81 -20.81
C CYS B 124 -16.76 -0.24 -21.28
N ILE B 125 -15.69 -0.99 -21.07
CA ILE B 125 -14.37 -0.58 -21.53
C ILE B 125 -14.37 -0.56 -23.06
N ARG B 126 -14.92 -1.62 -23.66
CA ARG B 126 -15.02 -1.64 -25.12
C ARG B 126 -15.78 -0.37 -25.62
N ARG B 127 -16.94 -0.11 -25.02
CA ARG B 127 -17.74 1.08 -25.41
C ARG B 127 -16.91 2.35 -25.29
N LEU B 128 -16.15 2.44 -24.21
CA LEU B 128 -15.29 3.59 -23.97
C LEU B 128 -14.21 3.71 -25.00
N ILE B 129 -13.55 2.61 -25.31
CA ILE B 129 -12.50 2.66 -26.32
C ILE B 129 -13.13 3.00 -27.69
N GLU B 130 -14.30 2.44 -27.96
CA GLU B 130 -14.97 2.73 -29.22
C GLU B 130 -15.18 4.25 -29.37
N VAL B 131 -15.68 4.89 -28.32
CA VAL B 131 -15.87 6.35 -28.28
C VAL B 131 -14.59 7.13 -28.55
N ASP B 132 -13.48 6.67 -27.99
CA ASP B 132 -12.20 7.33 -28.21
C ASP B 132 -11.35 6.57 -29.24
N LYS B 133 -11.96 5.76 -30.11
CA LYS B 133 -11.21 4.95 -31.08
C LYS B 133 -10.11 5.71 -31.83
N ASP B 134 -10.38 6.95 -32.20
CA ASP B 134 -9.42 7.76 -32.97
C ASP B 134 -8.15 8.11 -32.21
N TRP B 135 -8.13 7.89 -30.89
CA TRP B 135 -6.93 8.11 -30.09
C TRP B 135 -5.94 6.96 -30.22
N VAL B 136 -6.40 5.80 -30.68
CA VAL B 136 -5.53 4.63 -30.75
C VAL B 136 -4.55 4.82 -31.89
N PRO B 137 -3.25 4.98 -31.57
CA PRO B 137 -2.30 5.19 -32.65
C PRO B 137 -2.10 3.90 -33.47
N ASP B 138 -1.51 4.01 -34.65
CA ASP B 138 -1.29 2.84 -35.49
C ASP B 138 0.14 2.68 -36.02
N ALA B 139 1.05 3.56 -35.60
CA ALA B 139 2.44 3.43 -36.02
C ALA B 139 3.02 2.16 -35.42
N ALA B 140 4.05 1.62 -36.05
CA ALA B 140 4.67 0.40 -35.57
C ALA B 140 4.96 0.51 -34.08
N GLY B 141 4.55 -0.52 -33.33
CA GLY B 141 4.87 -0.61 -31.91
C GLY B 141 3.98 0.15 -30.96
N THR B 142 3.05 0.95 -31.48
CA THR B 142 2.23 1.77 -30.64
C THR B 142 0.94 1.06 -30.25
N SER B 143 0.27 1.63 -29.27
CA SER B 143 -0.95 1.06 -28.73
C SER B 143 -1.66 2.09 -27.88
N LEU B 144 -2.84 1.72 -27.39
CA LEU B 144 -3.57 2.50 -26.42
C LEU B 144 -3.43 1.74 -25.11
N TYR B 145 -2.94 2.41 -24.08
CA TYR B 145 -2.88 1.81 -22.74
C TYR B 145 -4.18 2.08 -22.00
N VAL B 146 -4.77 1.02 -21.44
CA VAL B 146 -6.02 1.09 -20.74
C VAL B 146 -5.75 0.85 -19.26
N ARG B 147 -6.22 1.77 -18.43
CA ARG B 147 -5.93 1.74 -16.99
C ARG B 147 -7.22 1.83 -16.21
N PRO B 148 -7.78 0.69 -15.84
CA PRO B 148 -8.89 0.61 -14.94
C PRO B 148 -8.36 0.73 -13.49
N VAL B 149 -9.22 1.24 -12.62
CA VAL B 149 -8.90 1.47 -11.22
C VAL B 149 -10.15 1.25 -10.41
N LEU B 150 -10.01 0.61 -9.25
CA LEU B 150 -11.08 0.49 -8.30
C LEU B 150 -10.53 1.02 -6.99
N ILE B 151 -11.25 1.96 -6.38
CA ILE B 151 -10.83 2.52 -5.09
C ILE B 151 -11.94 2.56 -4.07
N GLY B 152 -11.56 2.42 -2.80
CA GLY B 152 -12.49 2.60 -1.70
C GLY B 152 -12.72 4.10 -1.55
N ASN B 153 -13.85 4.49 -0.98
CA ASN B 153 -14.09 5.92 -0.85
C ASN B 153 -14.93 6.28 0.36
N GLU B 154 -14.74 5.56 1.46
CA GLU B 154 -15.38 5.88 2.74
C GLU B 154 -14.94 7.24 3.23
N PRO B 155 -15.88 8.10 3.65
CA PRO B 155 -15.43 9.33 4.27
C PRO B 155 -15.23 9.05 5.75
N SER B 156 -14.36 8.10 6.07
CA SER B 156 -14.15 7.66 7.46
C SER B 156 -12.74 7.16 7.73
N LEU B 157 -12.17 7.53 8.87
CA LEU B 157 -10.81 7.13 9.22
C LEU B 157 -10.75 5.74 9.84
N GLY B 158 -11.89 5.07 9.98
CA GLY B 158 -11.90 3.70 10.47
C GLY B 158 -11.22 2.80 9.45
N VAL B 159 -10.55 1.76 9.89
CA VAL B 159 -9.98 0.80 8.95
C VAL B 159 -11.02 -0.30 8.84
N SER B 160 -11.83 -0.27 7.79
CA SER B 160 -12.92 -1.22 7.63
C SER B 160 -13.35 -1.34 6.17
N GLN B 161 -14.20 -2.32 5.88
CA GLN B 161 -14.68 -2.53 4.52
C GLN B 161 -15.43 -1.28 4.13
N PRO B 162 -15.06 -0.69 2.98
CA PRO B 162 -15.74 0.54 2.59
C PRO B 162 -17.19 0.28 2.18
N THR B 163 -18.06 1.25 2.45
CA THR B 163 -19.45 1.19 2.06
C THR B 163 -19.64 2.04 0.81
N ARG B 164 -18.53 2.62 0.33
CA ARG B 164 -18.52 3.37 -0.90
C ARG B 164 -17.25 3.10 -1.68
N ALA B 165 -17.36 3.13 -3.00
CA ALA B 165 -16.24 2.89 -3.90
C ALA B 165 -16.45 3.53 -5.25
N LEU B 166 -15.37 3.58 -6.03
CA LEU B 166 -15.35 4.21 -7.32
C LEU B 166 -14.52 3.36 -8.30
N LEU B 167 -15.15 2.94 -9.40
CA LEU B 167 -14.44 2.27 -10.48
C LEU B 167 -14.31 3.24 -11.64
N PHE B 168 -13.10 3.50 -12.08
CA PHE B 168 -12.93 4.31 -13.28
C PHE B 168 -11.89 3.72 -14.23
N VAL B 169 -11.98 4.11 -15.49
CA VAL B 169 -11.06 3.66 -16.51
C VAL B 169 -10.61 4.85 -17.32
N ILE B 170 -9.31 5.05 -17.41
CA ILE B 170 -8.76 6.10 -18.26
C ILE B 170 -7.90 5.44 -19.32
N LEU B 171 -7.58 6.20 -20.36
CA LEU B 171 -6.85 5.70 -21.54
C LEU B 171 -5.72 6.63 -21.93
N CYS B 172 -4.56 6.07 -22.31
CA CYS B 172 -3.41 6.86 -22.80
C CYS B 172 -2.89 6.27 -24.10
N PRO B 173 -2.76 7.09 -25.16
CA PRO B 173 -2.03 6.53 -26.29
C PRO B 173 -0.56 6.46 -25.92
N VAL B 174 0.13 5.41 -26.33
CA VAL B 174 1.55 5.25 -25.99
C VAL B 174 2.39 4.91 -27.22
N GLY B 175 3.65 5.33 -27.19
CA GLY B 175 4.57 5.07 -28.28
C GLY B 175 5.13 3.66 -28.24
N ALA B 176 6.07 3.38 -29.14
CA ALA B 176 6.72 2.06 -29.19
C ALA B 176 7.72 1.95 -28.04
N TYR B 177 7.65 0.87 -27.28
CA TYR B 177 8.55 0.71 -26.15
C TYR B 177 10.02 0.77 -26.58
N PHE B 178 10.35 0.18 -27.73
CA PHE B 178 11.74 0.17 -28.22
C PHE B 178 11.99 1.16 -29.35
N PRO B 179 13.10 1.93 -29.26
CA PRO B 179 13.45 2.93 -30.27
C PRO B 179 14.10 2.30 -31.51
N GLY B 180 13.46 2.47 -32.65
CA GLY B 180 13.96 1.90 -33.90
C GLY B 180 13.48 0.48 -34.12
N GLY B 181 12.42 0.09 -33.40
CA GLY B 181 11.84 -1.24 -33.53
C GLY B 181 12.85 -2.36 -33.34
N SER B 182 13.63 -2.27 -32.27
CA SER B 182 14.69 -3.26 -32.00
C SER B 182 14.93 -3.38 -30.49
N VAL B 183 14.72 -4.58 -29.95
CA VAL B 183 14.90 -4.83 -28.52
C VAL B 183 16.29 -4.35 -28.04
N THR B 184 16.31 -3.69 -26.90
CA THR B 184 17.54 -3.16 -26.30
C THR B 184 17.61 -3.68 -24.85
N PRO B 185 18.76 -4.25 -24.46
CA PRO B 185 18.78 -4.94 -23.18
C PRO B 185 18.95 -4.02 -21.98
N VAL B 186 18.66 -4.53 -20.78
CA VAL B 186 18.80 -3.75 -19.55
C VAL B 186 19.67 -4.40 -18.51
N SER B 187 20.18 -3.57 -17.61
CA SER B 187 20.97 -4.03 -16.46
C SER B 187 20.08 -4.03 -15.21
N LEU B 188 20.31 -5.01 -14.36
CA LEU B 188 19.53 -5.21 -13.17
C LEU B 188 20.40 -5.12 -11.92
N LEU B 189 19.89 -4.50 -10.88
CA LEU B 189 20.52 -4.58 -9.56
C LEU B 189 19.83 -5.72 -8.78
N ALA B 190 20.63 -6.66 -8.28
CA ALA B 190 20.12 -7.77 -7.49
C ALA B 190 20.63 -7.63 -6.03
N ASP B 191 19.86 -6.97 -5.19
CA ASP B 191 20.22 -6.71 -3.81
C ASP B 191 19.17 -7.30 -2.86
N PRO B 192 19.53 -8.34 -2.09
CA PRO B 192 18.53 -9.01 -1.23
C PRO B 192 17.94 -8.18 -0.11
N ALA B 193 18.50 -7.02 0.20
CA ALA B 193 17.93 -6.17 1.25
C ALA B 193 16.52 -5.65 0.92
N PHE B 194 16.23 -5.54 -0.37
CA PHE B 194 14.94 -5.03 -0.82
C PHE B 194 14.02 -6.18 -1.16
N ILE B 195 12.88 -6.24 -0.46
CA ILE B 195 11.94 -7.32 -0.68
C ILE B 195 10.57 -6.80 -1.15
N ARG B 196 10.23 -7.13 -2.40
CA ARG B 196 8.98 -6.68 -3.03
C ARG B 196 7.71 -7.22 -2.38
N ALA B 197 7.73 -8.51 -2.00
CA ALA B 197 6.54 -9.23 -1.53
C ALA B 197 6.93 -10.45 -0.74
N TRP B 198 6.03 -10.91 0.10
CA TRP B 198 6.30 -12.04 0.99
C TRP B 198 5.20 -13.08 0.83
N VAL B 199 5.55 -14.33 1.08
CA VAL B 199 4.56 -15.40 1.12
C VAL B 199 3.54 -15.06 2.21
N GLY B 200 2.28 -15.14 1.87
CA GLY B 200 1.22 -14.75 2.76
C GLY B 200 0.79 -13.31 2.57
N GLY B 201 1.60 -12.53 1.83
CA GLY B 201 1.33 -11.12 1.56
C GLY B 201 0.41 -10.93 0.36
N VAL B 202 0.55 -9.78 -0.34
CA VAL B 202 -0.35 -9.43 -1.44
C VAL B 202 0.39 -9.08 -2.75
N GLY B 203 1.62 -9.55 -2.85
CA GLY B 203 2.45 -9.39 -4.04
C GLY B 203 1.86 -9.99 -5.29
N ASN B 204 1.00 -11.02 -5.13
CA ASN B 204 0.31 -11.64 -6.27
C ASN B 204 -0.95 -10.91 -6.73
N TYR B 205 -1.23 -9.73 -6.19
CA TYR B 205 -2.38 -8.92 -6.60
C TYR B 205 -1.84 -7.57 -7.07
N LYS B 206 -2.56 -6.94 -7.98
CA LYS B 206 -2.11 -5.70 -8.56
C LYS B 206 -2.66 -4.53 -7.77
N LEU B 207 -2.16 -4.38 -6.55
CA LEU B 207 -2.59 -3.36 -5.61
C LEU B 207 -1.57 -2.23 -5.59
N GLY B 208 -2.09 -0.98 -5.57
CA GLY B 208 -1.24 0.18 -5.56
C GLY B 208 -0.16 0.12 -4.50
N GLY B 209 -0.48 -0.45 -3.33
CA GLY B 209 0.47 -0.55 -2.19
C GLY B 209 1.73 -1.33 -2.47
N ASN B 210 1.70 -2.20 -3.49
CA ASN B 210 2.88 -2.95 -3.88
C ASN B 210 3.92 -2.11 -4.63
N TYR B 211 3.53 -0.96 -5.18
CA TYR B 211 4.37 -0.16 -6.10
C TYR B 211 5.10 1.02 -5.45
N GLY B 212 4.41 1.83 -4.64
CA GLY B 212 5.07 2.95 -3.96
C GLY B 212 6.40 2.66 -3.31
N PRO B 213 6.50 1.54 -2.58
CA PRO B 213 7.75 1.17 -1.92
C PRO B 213 8.91 0.87 -2.85
N THR B 214 8.62 0.59 -4.12
CA THR B 214 9.65 0.26 -5.08
C THR B 214 10.35 1.49 -5.68
N VAL B 215 9.75 2.66 -5.48
CA VAL B 215 10.26 3.88 -6.10
C VAL B 215 11.67 4.18 -5.59
N LEU B 216 11.86 4.13 -4.28
CA LEU B 216 13.18 4.35 -3.68
C LEU B 216 14.18 3.27 -4.10
N VAL B 217 13.71 2.04 -4.22
CA VAL B 217 14.59 0.96 -4.63
C VAL B 217 15.06 1.15 -6.08
N GLN B 218 14.18 1.60 -6.96
CA GLN B 218 14.56 1.91 -8.34
C GLN B 218 15.62 3.04 -8.38
N GLN B 219 15.46 4.07 -7.56
CA GLN B 219 16.48 5.11 -7.45
C GLN B 219 17.82 4.55 -6.99
N GLU B 220 17.79 3.63 -6.05
CA GLU B 220 19.01 3.01 -5.59
C GLU B 220 19.65 2.28 -6.76
N ALA B 221 18.81 1.63 -7.57
CA ALA B 221 19.29 0.90 -8.76
C ALA B 221 20.08 1.84 -9.67
N LEU B 222 19.46 2.98 -10.02
CA LEU B 222 20.10 3.99 -10.85
C LEU B 222 21.40 4.50 -10.21
N LYS B 223 21.36 4.78 -8.91
CA LYS B 223 22.57 5.24 -8.22
C LYS B 223 23.72 4.24 -8.38
N ARG B 224 23.39 2.95 -8.44
CA ARG B 224 24.40 1.89 -8.59
C ARG B 224 24.69 1.45 -10.05
N GLY B 225 24.34 2.29 -11.02
CA GLY B 225 24.65 2.03 -12.43
C GLY B 225 23.69 1.13 -13.19
N CYS B 226 22.62 0.70 -12.55
CA CYS B 226 21.67 -0.24 -13.15
C CYS B 226 20.39 0.43 -13.60
N GLU B 227 19.65 -0.26 -14.45
CA GLU B 227 18.40 0.27 -15.00
C GLU B 227 17.12 -0.19 -14.31
N GLN B 228 17.10 -1.43 -13.83
CA GLN B 228 15.90 -1.99 -13.17
C GLN B 228 16.30 -2.81 -11.97
N VAL B 229 15.31 -3.23 -11.19
CA VAL B 229 15.54 -4.01 -10.00
C VAL B 229 15.20 -5.48 -10.25
N LEU B 230 16.09 -6.39 -9.88
CA LEU B 230 15.82 -7.80 -9.87
C LEU B 230 15.42 -8.17 -8.46
N TRP B 231 14.17 -8.60 -8.30
CA TRP B 231 13.61 -8.85 -6.98
C TRP B 231 13.94 -10.22 -6.47
N LEU B 232 14.76 -10.28 -5.43
CA LEU B 232 15.18 -11.55 -4.87
C LEU B 232 14.31 -11.88 -3.66
N TYR B 233 14.10 -13.18 -3.44
CA TYR B 233 13.32 -13.65 -2.32
C TYR B 233 13.94 -14.87 -1.64
N GLY B 234 13.87 -14.88 -0.31
CA GLY B 234 14.32 -16.02 0.48
C GLY B 234 15.81 -16.08 0.72
N PRO B 235 16.23 -16.98 1.62
CA PRO B 235 17.65 -17.12 1.95
C PRO B 235 18.45 -17.71 0.79
N ASP B 236 17.78 -18.38 -0.15
CA ASP B 236 18.42 -18.94 -1.33
C ASP B 236 18.36 -17.98 -2.53
N HIS B 237 17.93 -16.75 -2.27
CA HIS B 237 17.95 -15.67 -3.25
C HIS B 237 17.30 -16.08 -4.58
N GLN B 238 16.02 -16.46 -4.48
CA GLN B 238 15.23 -16.79 -5.65
C GLN B 238 14.96 -15.55 -6.49
N LEU B 239 15.06 -15.69 -7.81
CA LEU B 239 14.74 -14.60 -8.70
C LEU B 239 13.21 -14.65 -8.85
N THR B 240 12.53 -13.57 -8.49
CA THR B 240 11.07 -13.59 -8.56
C THR B 240 10.53 -12.79 -9.72
N GLU B 241 10.94 -11.53 -9.79
CA GLU B 241 10.41 -10.59 -10.76
C GLU B 241 11.46 -9.58 -11.08
N VAL B 242 11.27 -8.85 -12.18
CA VAL B 242 12.18 -7.79 -12.59
C VAL B 242 11.34 -6.53 -12.79
N GLY B 243 11.67 -5.49 -12.05
CA GLY B 243 10.87 -4.27 -12.09
C GLY B 243 9.41 -4.57 -11.86
N THR B 244 8.56 -4.16 -12.80
CA THR B 244 7.14 -4.46 -12.73
C THR B 244 6.78 -5.58 -13.72
N MET B 245 7.74 -6.47 -13.98
CA MET B 245 7.57 -7.55 -14.96
C MET B 245 7.97 -8.89 -14.40
N ASN B 246 7.46 -9.95 -15.04
CA ASN B 246 7.83 -11.30 -14.70
C ASN B 246 9.18 -11.62 -15.33
N ILE B 247 9.82 -12.66 -14.84
CA ILE B 247 11.16 -12.98 -15.31
C ILE B 247 11.21 -14.39 -15.85
N PHE B 248 11.89 -14.52 -16.98
CA PHE B 248 12.08 -15.76 -17.67
C PHE B 248 13.54 -16.03 -17.92
N VAL B 249 13.90 -17.31 -17.92
CA VAL B 249 15.25 -17.75 -18.26
C VAL B 249 15.18 -18.89 -19.29
N TYR B 250 15.93 -18.74 -20.38
CA TYR B 250 16.05 -19.74 -21.44
C TYR B 250 17.47 -20.32 -21.33
N TRP B 251 17.57 -21.57 -20.91
CA TRP B 251 18.87 -22.17 -20.65
C TRP B 251 18.87 -23.67 -20.87
N THR B 252 20.07 -24.26 -20.91
CA THR B 252 20.18 -25.72 -20.82
C THR B 252 20.27 -25.97 -19.32
N HIS B 253 19.30 -26.73 -18.81
CA HIS B 253 19.17 -26.98 -17.39
C HIS B 253 20.26 -27.91 -16.87
N GLU B 254 20.45 -27.95 -15.55
CA GLU B 254 21.38 -28.91 -14.94
C GLU B 254 21.29 -30.35 -15.49
N ASP B 255 20.09 -30.82 -15.82
CA ASP B 255 19.92 -32.17 -16.37
C ASP B 255 20.22 -32.26 -17.88
N GLY B 256 20.84 -31.23 -18.46
CA GLY B 256 21.20 -31.24 -19.87
C GLY B 256 20.08 -30.94 -20.86
N VAL B 257 18.87 -30.66 -20.38
CA VAL B 257 17.72 -30.39 -21.25
C VAL B 257 17.48 -28.88 -21.48
N LEU B 258 17.31 -28.47 -22.73
CA LEU B 258 17.00 -27.07 -23.06
C LEU B 258 15.60 -26.72 -22.53
N GLU B 259 15.51 -25.67 -21.70
CA GLU B 259 14.19 -25.30 -21.16
C GLU B 259 13.98 -23.80 -21.02
N LEU B 260 12.72 -23.41 -21.01
CA LEU B 260 12.27 -22.05 -20.69
C LEU B 260 11.62 -22.20 -19.33
N VAL B 261 12.14 -21.45 -18.36
CA VAL B 261 11.66 -21.52 -16.98
C VAL B 261 11.24 -20.14 -16.48
N THR B 262 10.27 -20.12 -15.60
CA THR B 262 9.82 -18.90 -14.96
C THR B 262 9.34 -19.33 -13.58
N PRO B 263 9.48 -18.45 -12.58
CA PRO B 263 9.04 -18.84 -11.25
C PRO B 263 7.54 -19.16 -11.19
N PRO B 264 7.15 -20.13 -10.35
CA PRO B 264 5.77 -20.54 -10.23
C PRO B 264 4.94 -19.54 -9.43
N LEU B 265 3.63 -19.61 -9.58
CA LEU B 265 2.73 -18.70 -8.88
C LEU B 265 2.55 -19.20 -7.45
N ASN B 266 3.53 -18.91 -6.62
CA ASN B 266 3.58 -19.34 -5.24
C ASN B 266 3.11 -18.29 -4.22
N GLY B 267 2.63 -17.14 -4.70
CA GLY B 267 2.18 -16.06 -3.84
C GLY B 267 2.99 -14.77 -3.89
N VAL B 268 4.27 -14.82 -4.27
CA VAL B 268 5.08 -13.60 -4.36
C VAL B 268 5.24 -13.10 -5.80
N ILE B 269 4.60 -13.81 -6.73
CA ILE B 269 4.70 -13.50 -8.16
C ILE B 269 3.36 -12.99 -8.66
N LEU B 270 3.36 -11.89 -9.41
CA LEU B 270 2.15 -11.38 -10.04
C LEU B 270 1.89 -12.24 -11.29
N PRO B 271 0.67 -12.80 -11.43
CA PRO B 271 0.40 -13.62 -12.63
C PRO B 271 0.21 -12.79 -13.89
N GLY B 272 1.32 -12.49 -14.55
CA GLY B 272 1.25 -11.67 -15.74
C GLY B 272 0.48 -12.31 -16.88
N VAL B 273 -0.27 -11.48 -17.60
CA VAL B 273 -0.96 -11.88 -18.83
C VAL B 273 0.05 -12.24 -19.92
N VAL B 274 1.12 -11.45 -20.04
CA VAL B 274 2.14 -11.76 -21.04
C VAL B 274 2.87 -13.04 -20.63
N ARG B 275 3.18 -13.16 -19.35
CA ARG B 275 3.81 -14.36 -18.79
C ARG B 275 3.06 -15.63 -19.20
N GLN B 276 1.78 -15.65 -18.91
CA GLN B 276 0.96 -16.77 -19.27
C GLN B 276 0.99 -17.00 -20.79
N SER B 277 0.93 -15.94 -21.57
CA SER B 277 0.94 -16.05 -23.03
C SER B 277 2.24 -16.62 -23.55
N LEU B 278 3.36 -16.30 -22.89
CA LEU B 278 4.65 -16.85 -23.29
C LEU B 278 4.74 -18.36 -22.99
N LEU B 279 4.24 -18.78 -21.84
CA LEU B 279 4.14 -20.19 -21.51
C LEU B 279 3.25 -20.94 -22.50
N ASP B 280 2.06 -20.40 -22.78
CA ASP B 280 1.11 -21.01 -23.71
C ASP B 280 1.73 -21.21 -25.09
N MET B 281 2.31 -20.13 -25.60
CA MET B 281 2.93 -20.08 -26.92
C MET B 281 4.06 -21.10 -27.04
N ALA B 282 4.95 -21.12 -26.05
CA ALA B 282 6.07 -22.05 -26.06
C ALA B 282 5.62 -23.50 -25.87
N GLN B 283 4.59 -23.71 -25.06
CA GLN B 283 4.04 -25.05 -24.93
C GLN B 283 3.46 -25.50 -26.26
N THR B 284 2.74 -24.61 -26.92
CA THR B 284 2.13 -24.92 -28.22
C THR B 284 3.16 -25.31 -29.30
N TRP B 285 4.36 -24.71 -29.29
CA TRP B 285 5.39 -25.08 -30.26
C TRP B 285 6.00 -26.45 -29.96
N GLY B 286 5.95 -26.87 -28.70
CA GLY B 286 6.48 -28.18 -28.32
C GLY B 286 7.88 -28.48 -28.79
N GLU B 287 8.76 -27.47 -28.84
CA GLU B 287 10.13 -27.66 -29.32
C GLU B 287 11.14 -27.79 -28.20
N PHE B 288 10.81 -27.30 -27.00
CA PHE B 288 11.68 -27.45 -25.83
C PHE B 288 10.84 -27.55 -24.55
N ARG B 289 11.49 -27.81 -23.42
CA ARG B 289 10.75 -27.93 -22.17
C ARG B 289 10.28 -26.56 -21.64
N VAL B 290 9.03 -26.49 -21.22
CA VAL B 290 8.48 -25.26 -20.68
C VAL B 290 8.08 -25.57 -19.25
N VAL B 291 8.64 -24.85 -18.29
CA VAL B 291 8.38 -25.20 -16.92
C VAL B 291 8.27 -23.99 -16.00
N GLU B 292 7.47 -24.17 -14.95
CA GLU B 292 7.33 -23.19 -13.91
C GLU B 292 8.08 -23.71 -12.70
N ARG B 293 9.26 -23.17 -12.45
CA ARG B 293 10.05 -23.64 -11.34
C ARG B 293 10.81 -22.49 -10.71
N THR B 294 11.08 -22.65 -9.43
CA THR B 294 11.91 -21.73 -8.71
C THR B 294 13.30 -21.61 -9.38
N ILE B 295 13.81 -20.39 -9.46
CA ILE B 295 15.13 -20.13 -10.01
C ILE B 295 15.93 -19.39 -8.95
N THR B 296 17.11 -19.88 -8.62
CA THR B 296 17.94 -19.25 -7.57
C THR B 296 19.18 -18.59 -8.18
N MET B 297 19.75 -17.61 -7.51
CA MET B 297 20.98 -16.94 -7.98
C MET B 297 22.15 -17.92 -8.14
N LYS B 298 22.25 -18.87 -7.20
CA LYS B 298 23.25 -19.93 -7.27
C LYS B 298 23.13 -20.71 -8.59
N GLN B 299 21.92 -21.14 -8.95
CA GLN B 299 21.70 -21.84 -10.22
C GLN B 299 22.07 -21.00 -11.43
N LEU B 300 21.72 -19.73 -11.39
CA LEU B 300 22.04 -18.85 -12.49
C LEU B 300 23.56 -18.66 -12.61
N LEU B 301 24.24 -18.51 -11.48
CA LEU B 301 25.69 -18.33 -11.47
C LEU B 301 26.40 -19.53 -12.07
N ARG B 302 25.98 -20.72 -11.64
CA ARG B 302 26.60 -21.92 -12.16
C ARG B 302 26.31 -22.11 -13.64
N ALA B 303 25.07 -21.83 -14.04
CA ALA B 303 24.69 -21.92 -15.44
C ALA B 303 25.53 -20.96 -16.28
N LEU B 304 25.71 -19.74 -15.80
CA LEU B 304 26.50 -18.75 -16.54
C LEU B 304 27.94 -19.22 -16.66
N GLU B 305 28.48 -19.76 -15.59
CA GLU B 305 29.87 -20.19 -15.56
C GLU B 305 30.08 -21.36 -16.50
N GLU B 306 29.04 -22.18 -16.68
CA GLU B 306 29.12 -23.35 -17.54
C GLU B 306 28.59 -23.14 -18.95
N GLY B 307 28.29 -21.90 -19.31
CA GLY B 307 27.84 -21.56 -20.67
C GLY B 307 26.48 -22.07 -21.05
N ARG B 308 25.61 -22.27 -20.06
CA ARG B 308 24.30 -22.89 -20.30
C ARG B 308 23.12 -21.91 -20.48
N VAL B 309 23.36 -20.64 -20.18
CA VAL B 309 22.32 -19.62 -20.28
C VAL B 309 22.33 -19.05 -21.68
N ARG B 310 21.18 -19.02 -22.32
CA ARG B 310 21.04 -18.39 -23.62
C ARG B 310 20.44 -16.99 -23.50
N GLU B 311 19.31 -16.86 -22.80
CA GLU B 311 18.59 -15.59 -22.74
C GLU B 311 17.90 -15.39 -21.41
N VAL B 312 17.94 -14.17 -20.89
CA VAL B 312 17.20 -13.81 -19.69
C VAL B 312 16.39 -12.59 -20.08
N PHE B 313 15.13 -12.55 -19.68
CA PHE B 313 14.29 -11.44 -20.05
C PHE B 313 13.09 -11.25 -19.14
N GLY B 314 12.56 -10.04 -19.16
CA GLY B 314 11.36 -9.76 -18.46
C GLY B 314 10.17 -9.83 -19.41
N SER B 315 8.97 -10.00 -18.86
CA SER B 315 7.73 -9.95 -19.66
C SER B 315 6.68 -9.06 -18.97
N GLY B 316 5.96 -8.29 -19.76
CA GLY B 316 4.88 -7.48 -19.21
C GLY B 316 4.27 -6.67 -20.34
N THR B 317 3.13 -6.05 -20.07
CA THR B 317 2.40 -5.24 -21.05
C THR B 317 3.22 -4.08 -21.59
N ALA B 318 4.13 -3.55 -20.76
CA ALA B 318 4.98 -2.44 -21.16
C ALA B 318 5.71 -2.69 -22.47
N CYS B 319 6.47 -3.77 -22.51
CA CYS B 319 7.36 -4.07 -23.64
C CYS B 319 7.09 -5.41 -24.33
N GLN B 320 6.20 -6.21 -23.74
CA GLN B 320 5.99 -7.61 -24.12
C GLN B 320 7.22 -8.40 -23.60
N VAL B 321 8.41 -8.22 -24.19
CA VAL B 321 9.62 -8.91 -23.69
C VAL B 321 10.82 -7.98 -23.75
N CYS B 322 11.62 -7.99 -22.68
CA CYS B 322 12.78 -7.11 -22.56
C CYS B 322 14.04 -7.89 -22.17
N PRO B 323 15.03 -7.92 -23.06
CA PRO B 323 16.23 -8.70 -22.77
C PRO B 323 17.05 -8.10 -21.61
N VAL B 324 17.77 -8.97 -20.92
CA VAL B 324 18.64 -8.58 -19.83
C VAL B 324 20.08 -8.96 -20.19
N HIS B 325 21.00 -8.01 -20.03
CA HIS B 325 22.40 -8.23 -20.42
C HIS B 325 23.40 -8.14 -19.25
N ARG B 326 22.96 -7.62 -18.11
CA ARG B 326 23.82 -7.52 -16.93
C ARG B 326 23.04 -7.54 -15.60
N ILE B 327 23.59 -8.23 -14.60
CA ILE B 327 23.04 -8.23 -13.26
C ILE B 327 24.15 -7.89 -12.27
N LEU B 328 23.93 -6.86 -11.48
CA LEU B 328 24.87 -6.49 -10.41
C LEU B 328 24.42 -7.12 -9.11
N TYR B 329 25.18 -8.13 -8.68
CA TYR B 329 24.88 -8.94 -7.50
C TYR B 329 26.10 -9.01 -6.58
N LYS B 330 25.94 -8.66 -5.31
CA LYS B 330 27.06 -8.66 -4.37
C LYS B 330 28.28 -7.95 -4.93
N ASP B 331 28.08 -6.68 -5.33
CA ASP B 331 29.15 -5.83 -5.87
C ASP B 331 29.94 -6.47 -7.01
N ARG B 332 29.29 -7.35 -7.75
CA ARG B 332 29.92 -8.14 -8.79
C ARG B 332 29.00 -8.14 -10.02
N ASN B 333 29.51 -7.61 -11.13
CA ASN B 333 28.75 -7.57 -12.38
C ASN B 333 28.76 -8.90 -13.09
N LEU B 334 27.57 -9.47 -13.30
CA LEU B 334 27.43 -10.70 -14.07
C LEU B 334 26.97 -10.31 -15.45
N HIS B 335 27.70 -10.75 -16.48
CA HIS B 335 27.27 -10.54 -17.86
C HIS B 335 26.31 -11.67 -18.20
N ILE B 336 25.21 -11.30 -18.84
CA ILE B 336 24.20 -12.24 -19.27
C ILE B 336 24.20 -12.22 -20.80
N PRO B 337 24.54 -13.35 -21.45
CA PRO B 337 24.74 -13.43 -22.91
C PRO B 337 23.48 -13.47 -23.78
N THR B 338 22.43 -12.77 -23.34
CA THR B 338 21.17 -12.72 -24.07
C THR B 338 21.31 -12.25 -25.52
N MET B 339 21.91 -11.09 -25.74
CA MET B 339 22.00 -10.50 -27.08
C MET B 339 22.95 -11.30 -27.97
N GLU B 340 23.89 -11.99 -27.35
CA GLU B 340 24.80 -12.86 -28.08
C GLU B 340 24.06 -14.07 -28.66
N ASN B 341 22.96 -14.46 -28.03
CA ASN B 341 22.23 -15.64 -28.46
C ASN B 341 21.06 -15.30 -29.36
N GLY B 342 21.12 -14.12 -29.98
CA GLY B 342 20.12 -13.69 -30.97
C GLY B 342 19.58 -12.30 -30.72
N PRO B 343 18.69 -12.11 -29.74
CA PRO B 343 18.20 -13.14 -28.85
C PRO B 343 17.07 -13.89 -29.54
N GLU B 344 17.33 -15.13 -29.94
CA GLU B 344 16.39 -15.84 -30.82
C GLU B 344 15.00 -16.02 -30.25
N LEU B 345 14.92 -16.51 -29.03
CA LEU B 345 13.63 -16.77 -28.41
C LEU B 345 12.87 -15.48 -28.22
N ILE B 346 13.55 -14.48 -27.66
CA ILE B 346 12.95 -13.15 -27.52
C ILE B 346 12.38 -12.61 -28.82
N LEU B 347 13.18 -12.70 -29.88
CA LEU B 347 12.72 -12.21 -31.17
C LEU B 347 11.56 -13.00 -31.72
N ARG B 348 11.58 -14.31 -31.54
CA ARG B 348 10.47 -15.16 -31.97
C ARG B 348 9.17 -14.79 -31.23
N PHE B 349 9.28 -14.67 -29.91
CA PHE B 349 8.13 -14.25 -29.10
C PHE B 349 7.59 -12.90 -29.55
N GLN B 350 8.48 -11.93 -29.74
CA GLN B 350 8.02 -10.58 -30.17
C GLN B 350 7.28 -10.60 -31.48
N LYS B 351 7.82 -11.33 -32.44
CA LYS B 351 7.21 -11.39 -33.76
C LYS B 351 5.83 -12.01 -33.71
N GLU B 352 5.69 -13.13 -33.02
CA GLU B 352 4.38 -13.79 -32.96
C GLU B 352 3.37 -12.94 -32.19
N LEU B 353 3.80 -12.35 -31.07
CA LEU B 353 2.91 -11.47 -30.32
C LEU B 353 2.51 -10.31 -31.21
N LYS B 354 3.46 -9.72 -31.92
CA LYS B 354 3.15 -8.61 -32.80
C LYS B 354 2.12 -9.00 -33.90
N GLU B 355 2.32 -10.17 -34.50
CA GLU B 355 1.43 -10.62 -35.59
C GLU B 355 -0.02 -10.84 -35.10
N ILE B 356 -0.15 -11.40 -33.91
CA ILE B 356 -1.43 -11.62 -33.25
C ILE B 356 -2.05 -10.30 -32.83
N GLN B 357 -1.25 -9.45 -32.17
CA GLN B 357 -1.75 -8.20 -31.59
C GLN B 357 -2.25 -7.19 -32.61
N TYR B 358 -1.54 -7.04 -33.72
CA TYR B 358 -1.92 -6.13 -34.80
C TYR B 358 -2.74 -6.83 -35.91
N GLY B 359 -3.30 -8.01 -35.62
CA GLY B 359 -4.23 -8.67 -36.53
C GLY B 359 -3.68 -9.41 -37.75
N ILE B 360 -2.35 -9.50 -37.88
CA ILE B 360 -1.74 -10.17 -39.02
C ILE B 360 -2.13 -11.64 -39.08
N ARG B 361 -2.32 -12.23 -37.91
CA ARG B 361 -2.82 -13.60 -37.78
C ARG B 361 -4.02 -13.55 -36.89
N ALA B 362 -5.11 -14.20 -37.29
CA ALA B 362 -6.26 -14.28 -36.45
C ALA B 362 -5.92 -15.08 -35.18
N HIS B 363 -6.59 -14.73 -34.08
CA HIS B 363 -6.34 -15.44 -32.85
C HIS B 363 -7.41 -15.09 -31.84
N GLU B 364 -7.87 -16.13 -31.16
CA GLU B 364 -8.88 -15.98 -30.11
C GLU B 364 -8.45 -15.11 -28.91
N TRP B 365 -7.16 -14.82 -28.79
CA TRP B 365 -6.63 -13.96 -27.73
C TRP B 365 -7.08 -12.52 -27.96
N MET B 366 -7.43 -12.17 -29.18
CA MET B 366 -7.74 -10.78 -29.48
C MET B 366 -9.23 -10.52 -29.37
N PHE B 367 -9.55 -9.38 -28.74
CA PHE B 367 -10.93 -9.00 -28.48
C PHE B 367 -11.19 -7.73 -29.28
N PRO B 368 -12.10 -7.81 -30.27
CA PRO B 368 -12.31 -6.64 -31.11
C PRO B 368 -13.14 -5.56 -30.44
N VAL B 369 -12.79 -4.32 -30.71
CA VAL B 369 -13.54 -3.19 -30.22
C VAL B 369 -14.54 -2.83 -31.31
N1 PLP C . 1.24 -0.19 14.97
C2 PLP C . 0.61 0.11 13.81
C2A PLP C . 0.28 -0.98 12.84
C3 PLP C . 0.24 1.53 13.53
O3 PLP C . -0.40 1.89 12.40
C4 PLP C . 0.59 2.57 14.52
C4A PLP C . 0.24 3.99 14.25
C5 PLP C . 1.27 2.10 15.77
C6 PLP C . 1.56 0.73 15.90
C5A PLP C . 1.73 3.03 16.85
O4P PLP C . 0.75 3.95 17.26
P PLP C . 1.15 5.23 18.18
O1P PLP C . 1.57 4.64 19.53
O2P PLP C . 2.22 6.04 17.51
O3P PLP C . -0.24 5.84 18.14
C01 EL2 D . -11.51 7.37 20.84
N01 EL2 D . -11.01 6.54 19.77
C02 EL2 D . -9.86 6.80 19.15
O01 EL2 D . -9.14 7.73 19.50
C03 EL2 D . -9.41 5.84 18.09
C04 EL2 D . -10.04 4.61 17.91
C05 EL2 D . -9.59 3.71 16.95
C06 EL2 D . -8.46 4.05 16.22
N02 EL2 D . -7.77 3.40 15.18
C07 EL2 D . -8.05 2.04 14.72
C08 EL2 D . -9.42 1.84 14.08
C09 EL2 D . -9.61 0.38 13.70
C10 EL2 D . -9.47 -0.59 14.88
C11 EL2 D . -8.14 -0.39 15.59
C12 EL2 D . -7.92 1.08 15.92
N03 EL2 D . -8.06 -1.16 16.85
C13 EL2 D . -7.02 -1.97 17.16
O1 EL2 D . -6.05 -2.13 16.43
C14 EL2 D . -7.08 -2.58 18.53
C15 EL2 D . -8.01 -2.57 19.54
C16 EL2 D . -7.59 -3.26 20.72
C17 EL2 D . -6.34 -3.77 20.57
BR EL2 D . -5.35 -4.75 21.85
S EL2 D . -5.64 -3.43 19.03
C18 EL2 D . -6.72 4.24 14.83
N04 EL2 D . -6.72 5.36 15.53
C19 EL2 D . -7.81 5.26 16.40
C20 EL2 D . -8.27 6.17 17.35
C21 EL2 D . -5.68 3.94 13.84
C22 EL2 D . -6.04 3.55 12.55
C23 EL2 D . -5.02 3.25 11.66
C24 EL2 D . -3.71 3.36 12.05
C1 EL2 D . -3.45 3.76 13.34
N1 EL2 D . -4.40 4.05 14.24
CL CL E . 8.97 13.99 23.12
C1 EDO F . 15.71 -0.96 11.63
O1 EDO F . 16.51 -2.10 11.95
C2 EDO F . 14.68 -1.37 10.58
O2 EDO F . 15.24 -2.32 9.67
C1 EDO G . 3.29 -2.37 38.09
O1 EDO G . 3.54 -1.34 39.04
C2 EDO G . 2.70 -3.55 38.82
O2 EDO G . 3.41 -4.75 38.55
C1 EDO H . 8.06 10.34 32.70
O1 EDO H . 8.92 11.46 32.50
C2 EDO H . 8.60 9.26 31.81
O2 EDO H . 9.88 8.87 32.31
C1 EDO I . -4.49 35.16 4.30
O1 EDO I . -3.59 35.20 3.19
C2 EDO I . -3.79 35.57 5.59
O2 EDO I . -4.66 35.30 6.69
C1 EDO J . -6.54 19.24 -4.04
O1 EDO J . -7.86 19.78 -3.91
C2 EDO J . -5.80 20.06 -5.06
O2 EDO J . -4.94 20.97 -4.37
C1 EDO K . 17.18 -3.59 16.87
O1 EDO K . 16.67 -3.76 15.53
C2 EDO K . 17.65 -4.95 17.36
O2 EDO K . 16.70 -5.96 16.94
C1 EDO L . 9.39 -3.23 0.33
O1 EDO L . 8.14 -3.78 -0.05
C2 EDO L . 10.17 -2.79 -0.89
O2 EDO L . 11.55 -2.95 -0.54
N1 PLP M . 4.76 -8.10 -12.21
C2 PLP M . 4.37 -6.95 -11.60
C2A PLP M . 5.10 -6.48 -10.37
C3 PLP M . 3.24 -6.17 -12.17
O3 PLP M . 2.83 -5.02 -11.60
C4 PLP M . 2.56 -6.70 -13.39
C4A PLP M . 1.42 -5.93 -13.96
C5 PLP M . 3.11 -7.97 -13.95
C6 PLP M . 4.18 -8.60 -13.31
C5A PLP M . 2.52 -8.67 -15.16
O4P PLP M . 2.23 -7.80 -16.22
P PLP M . 1.26 -8.22 -17.43
O1P PLP M . 2.02 -9.34 -18.14
O2P PLP M . -0.09 -8.60 -16.81
O3P PLP M . 1.28 -6.91 -18.19
C01 EL2 N . 5.38 2.29 -24.50
N01 EL2 N . 5.53 2.10 -23.06
C02 EL2 N . 4.62 1.47 -22.33
O01 EL2 N . 3.62 0.95 -22.83
C03 EL2 N . 4.91 1.28 -20.87
C04 EL2 N . 6.15 1.58 -20.29
C05 EL2 N . 6.41 1.33 -18.96
C06 EL2 N . 5.39 0.77 -18.19
N02 EL2 N . 5.28 0.42 -16.83
C07 EL2 N . 6.37 0.47 -15.86
C08 EL2 N . 6.89 1.88 -15.58
C09 EL2 N . 8.06 1.81 -14.61
C10 EL2 N . 9.21 1.01 -15.19
C11 EL2 N . 8.77 -0.42 -15.49
C12 EL2 N . 7.52 -0.41 -16.37
N03 EL2 N . 9.82 -1.17 -16.19
C13 EL2 N . 10.24 -2.38 -15.76
O1 EL2 N . 9.80 -2.94 -14.77
C14 EL2 N . 11.23 -3.06 -16.64
C15 EL2 N . 11.81 -2.74 -17.85
C16 EL2 N . 12.66 -3.76 -18.36
C17 EL2 N . 12.68 -4.85 -17.55
BR EL2 N . 13.63 -6.45 -17.83
S EL2 N . 11.69 -4.66 -16.15
C18 EL2 N . 4.01 -0.10 -16.66
N04 EL2 N . 3.31 -0.09 -17.78
C19 EL2 N . 4.15 0.45 -18.74
C20 EL2 N . 3.91 0.70 -20.09
C21 EL2 N . 3.48 -0.67 -15.40
C22 EL2 N . 3.46 0.12 -14.25
C23 EL2 N . 2.98 -0.45 -13.08
C24 EL2 N . 2.53 -1.75 -13.09
C1 EL2 N . 2.58 -2.45 -14.27
N1 EL2 N . 3.06 -1.94 -15.42
CL CL O . -7.75 -15.20 -23.13
C1 EDO P . 13.62 -19.93 -30.41
O1 EDO P . 12.95 -21.13 -30.80
C2 EDO P . 15.12 -20.14 -30.36
O2 EDO P . 15.37 -21.30 -29.58
C1 EDO Q . -1.02 -20.26 -29.53
O1 EDO Q . -0.61 -19.03 -30.10
C2 EDO Q . -0.29 -20.44 -28.22
O2 EDO Q . -1.19 -20.97 -27.23
C1 GOL R . -17.52 10.77 -9.02
O1 GOL R . -18.64 10.02 -8.57
C2 GOL R . -17.00 11.58 -7.85
O2 GOL R . -16.17 10.78 -7.04
C3 GOL R . -16.15 12.69 -8.36
O3 GOL R . -14.84 12.16 -8.59
#